data_420D
# 
_entry.id   420D 
# 
_audit_conform.dict_name       mmcif_pdbx.dic 
_audit_conform.dict_version    5.387 
_audit_conform.dict_location   http://mmcif.pdb.org/dictionaries/ascii/mmcif_pdbx.dic 
# 
loop_
_database_2.database_id 
_database_2.database_code 
_database_2.pdbx_database_accession 
_database_2.pdbx_DOI 
PDB   420D         pdb_0000420d 10.2210/pdb420d/pdb 
RCSB  AR0006       ?            ?                   
WWPDB D_1000179219 ?            ?                   
# 
loop_
_pdbx_audit_revision_history.ordinal 
_pdbx_audit_revision_history.data_content_type 
_pdbx_audit_revision_history.major_revision 
_pdbx_audit_revision_history.minor_revision 
_pdbx_audit_revision_history.revision_date 
1 'Structure model' 1 0 1999-01-13 
2 'Structure model' 1 1 2008-05-22 
3 'Structure model' 1 2 2011-07-13 
4 'Structure model' 1 3 2024-02-28 
# 
_pdbx_audit_revision_details.ordinal             1 
_pdbx_audit_revision_details.revision_ordinal    1 
_pdbx_audit_revision_details.data_content_type   'Structure model' 
_pdbx_audit_revision_details.provider            repository 
_pdbx_audit_revision_details.type                'Initial release' 
_pdbx_audit_revision_details.description         ? 
_pdbx_audit_revision_details.details             ? 
# 
loop_
_pdbx_audit_revision_group.ordinal 
_pdbx_audit_revision_group.revision_ordinal 
_pdbx_audit_revision_group.data_content_type 
_pdbx_audit_revision_group.group 
1 2 'Structure model' 'Version format compliance' 
2 3 'Structure model' 'Version format compliance' 
3 4 'Structure model' 'Data collection'           
4 4 'Structure model' 'Database references'       
5 4 'Structure model' 'Derived calculations'      
# 
loop_
_pdbx_audit_revision_category.ordinal 
_pdbx_audit_revision_category.revision_ordinal 
_pdbx_audit_revision_category.data_content_type 
_pdbx_audit_revision_category.category 
1 4 'Structure model' chem_comp_atom         
2 4 'Structure model' chem_comp_bond         
3 4 'Structure model' database_2             
4 4 'Structure model' pdbx_struct_conn_angle 
5 4 'Structure model' struct_conn            
6 4 'Structure model' struct_site            
# 
loop_
_pdbx_audit_revision_item.ordinal 
_pdbx_audit_revision_item.revision_ordinal 
_pdbx_audit_revision_item.data_content_type 
_pdbx_audit_revision_item.item 
1  4 'Structure model' '_database_2.pdbx_DOI'                        
2  4 'Structure model' '_database_2.pdbx_database_accession'         
3  4 'Structure model' '_pdbx_struct_conn_angle.ptnr1_auth_comp_id'  
4  4 'Structure model' '_pdbx_struct_conn_angle.ptnr1_auth_seq_id'   
5  4 'Structure model' '_pdbx_struct_conn_angle.ptnr1_label_asym_id' 
6  4 'Structure model' '_pdbx_struct_conn_angle.ptnr1_label_atom_id' 
7  4 'Structure model' '_pdbx_struct_conn_angle.ptnr1_label_comp_id' 
8  4 'Structure model' '_pdbx_struct_conn_angle.ptnr1_label_seq_id'  
9  4 'Structure model' '_pdbx_struct_conn_angle.ptnr1_symmetry'      
10 4 'Structure model' '_pdbx_struct_conn_angle.ptnr3_auth_comp_id'  
11 4 'Structure model' '_pdbx_struct_conn_angle.ptnr3_auth_seq_id'   
12 4 'Structure model' '_pdbx_struct_conn_angle.ptnr3_label_asym_id' 
13 4 'Structure model' '_pdbx_struct_conn_angle.ptnr3_label_atom_id' 
14 4 'Structure model' '_pdbx_struct_conn_angle.ptnr3_label_comp_id' 
15 4 'Structure model' '_pdbx_struct_conn_angle.ptnr3_label_seq_id'  
16 4 'Structure model' '_pdbx_struct_conn_angle.ptnr3_symmetry'      
17 4 'Structure model' '_pdbx_struct_conn_angle.value'               
18 4 'Structure model' '_struct_conn.pdbx_dist_value'                
19 4 'Structure model' '_struct_conn.ptnr1_auth_comp_id'             
20 4 'Structure model' '_struct_conn.ptnr1_auth_seq_id'              
21 4 'Structure model' '_struct_conn.ptnr1_label_asym_id'            
22 4 'Structure model' '_struct_conn.ptnr1_label_atom_id'            
23 4 'Structure model' '_struct_conn.ptnr1_label_comp_id'            
24 4 'Structure model' '_struct_conn.ptnr1_label_seq_id'             
25 4 'Structure model' '_struct_conn.ptnr1_symmetry'                 
26 4 'Structure model' '_struct_conn.ptnr2_auth_comp_id'             
27 4 'Structure model' '_struct_conn.ptnr2_auth_seq_id'              
28 4 'Structure model' '_struct_conn.ptnr2_label_asym_id'            
29 4 'Structure model' '_struct_conn.ptnr2_label_atom_id'            
30 4 'Structure model' '_struct_conn.ptnr2_label_comp_id'            
31 4 'Structure model' '_struct_conn.ptnr2_label_seq_id'             
32 4 'Structure model' '_struct_conn.ptnr2_symmetry'                 
33 4 'Structure model' '_struct_site.pdbx_auth_asym_id'              
34 4 'Structure model' '_struct_site.pdbx_auth_comp_id'              
35 4 'Structure model' '_struct_site.pdbx_auth_seq_id'               
# 
_pdbx_database_status.status_code                     REL 
_pdbx_database_status.entry_id                        420D 
_pdbx_database_status.recvd_initial_deposition_date   1998-08-13 
_pdbx_database_status.deposit_site                    NDB 
_pdbx_database_status.process_site                    NDB 
_pdbx_database_status.SG_entry                        . 
_pdbx_database_status.pdb_format_compatible           Y 
_pdbx_database_status.status_code_mr                  ? 
_pdbx_database_status.status_code_sf                  ? 
_pdbx_database_status.status_code_cs                  ? 
_pdbx_database_status.status_code_nmr_data            ? 
_pdbx_database_status.methods_development_category    ? 
# 
loop_
_audit_author.name 
_audit_author.pdbx_ordinal 
'Pan, B.'           1 
'Mitra, S.N.'       2 
'Sundaralingam, M.' 3 
# 
_citation.id                        primary 
_citation.title                     
'Crystal structure of an RNA 16-mer duplex R(GCAGAGUUAAAUCUGC)2 with nonadjacent G(syn).A+(anti) mispairs.' 
_citation.journal_abbrev            Biochemistry 
_citation.journal_volume            38 
_citation.page_first                2826 
_citation.page_last                 2831 
_citation.year                      1999 
_citation.journal_id_ASTM           BICHAW 
_citation.country                   US 
_citation.journal_id_ISSN           0006-2960 
_citation.journal_id_CSD            0033 
_citation.book_publisher            ? 
_citation.pdbx_database_id_PubMed   10052954 
_citation.pdbx_database_id_DOI      10.1021/bi982122y 
# 
loop_
_citation_author.citation_id 
_citation_author.name 
_citation_author.ordinal 
_citation_author.identifier_ORCID 
primary 'Pan, B.'           1 ? 
primary 'Mitra, S.N.'       2 ? 
primary 'Sundaralingam, M.' 3 ? 
# 
loop_
_entity.id 
_entity.type 
_entity.src_method 
_entity.pdbx_description 
_entity.formula_weight 
_entity.pdbx_number_of_molecules 
_entity.pdbx_ec 
_entity.pdbx_mutation 
_entity.pdbx_fragment 
_entity.details 
1 polymer     syn 
;RNA (5'-R(*GP*CP*AP*GP*AP*GP*UP*UP*AP*AP*AP*UP*CP*UP*GP*C)-3')
;
5122.103 2  ? ? ? ? 
2 non-polymer syn 'SODIUM ION'                                                     22.990   1  ? ? ? ? 
3 water       nat water                                                            18.015   56 ? ? ? ? 
# 
_entity_poly.entity_id                      1 
_entity_poly.type                           polyribonucleotide 
_entity_poly.nstd_linkage                   no 
_entity_poly.nstd_monomer                   no 
_entity_poly.pdbx_seq_one_letter_code       GCAGAGUUAAAUCUGC 
_entity_poly.pdbx_seq_one_letter_code_can   GCAGAGUUAAAUCUGC 
_entity_poly.pdbx_strand_id                 A,B 
_entity_poly.pdbx_target_identifier         ? 
# 
loop_
_pdbx_entity_nonpoly.entity_id 
_pdbx_entity_nonpoly.name 
_pdbx_entity_nonpoly.comp_id 
2 'SODIUM ION' NA  
3 water        HOH 
# 
loop_
_entity_poly_seq.entity_id 
_entity_poly_seq.num 
_entity_poly_seq.mon_id 
_entity_poly_seq.hetero 
1 1  G n 
1 2  C n 
1 3  A n 
1 4  G n 
1 5  A n 
1 6  G n 
1 7  U n 
1 8  U n 
1 9  A n 
1 10 A n 
1 11 A n 
1 12 U n 
1 13 C n 
1 14 U n 
1 15 G n 
1 16 C n 
# 
loop_
_chem_comp.id 
_chem_comp.type 
_chem_comp.mon_nstd_flag 
_chem_comp.name 
_chem_comp.pdbx_synonyms 
_chem_comp.formula 
_chem_comp.formula_weight 
A   'RNA linking' y "ADENOSINE-5'-MONOPHOSPHATE" ? 'C10 H14 N5 O7 P' 347.221 
C   'RNA linking' y "CYTIDINE-5'-MONOPHOSPHATE"  ? 'C9 H14 N3 O8 P'  323.197 
G   'RNA linking' y "GUANOSINE-5'-MONOPHOSPHATE" ? 'C10 H14 N5 O8 P' 363.221 
HOH non-polymer   . WATER                        ? 'H2 O'            18.015  
NA  non-polymer   . 'SODIUM ION'                 ? 'Na 1'            22.990  
U   'RNA linking' y "URIDINE-5'-MONOPHOSPHATE"   ? 'C9 H13 N2 O9 P'  324.181 
# 
loop_
_pdbx_poly_seq_scheme.asym_id 
_pdbx_poly_seq_scheme.entity_id 
_pdbx_poly_seq_scheme.seq_id 
_pdbx_poly_seq_scheme.mon_id 
_pdbx_poly_seq_scheme.ndb_seq_num 
_pdbx_poly_seq_scheme.pdb_seq_num 
_pdbx_poly_seq_scheme.auth_seq_num 
_pdbx_poly_seq_scheme.pdb_mon_id 
_pdbx_poly_seq_scheme.auth_mon_id 
_pdbx_poly_seq_scheme.pdb_strand_id 
_pdbx_poly_seq_scheme.pdb_ins_code 
_pdbx_poly_seq_scheme.hetero 
A 1 1  G 1  1  1  G G A . n 
A 1 2  C 2  2  2  C C A . n 
A 1 3  A 3  3  3  A A A . n 
A 1 4  G 4  4  4  G G A . n 
A 1 5  A 5  5  5  A A A . n 
A 1 6  G 6  6  6  G G A . n 
A 1 7  U 7  7  7  U U A . n 
A 1 8  U 8  8  8  U U A . n 
A 1 9  A 9  9  9  A A A . n 
A 1 10 A 10 10 10 A A A . n 
A 1 11 A 11 11 11 A A A . n 
A 1 12 U 12 12 12 U U A . n 
A 1 13 C 13 13 13 C C A . n 
A 1 14 U 14 14 14 U U A . n 
A 1 15 G 15 15 15 G G A . n 
A 1 16 C 16 16 16 C C A . n 
B 1 1  G 1  17 17 G G B . n 
B 1 2  C 2  18 18 C C B . n 
B 1 3  A 3  19 19 A A B . n 
B 1 4  G 4  20 20 G G B . n 
B 1 5  A 5  21 21 A A B . n 
B 1 6  G 6  22 22 G G B . n 
B 1 7  U 7  23 23 U U B . n 
B 1 8  U 8  24 24 U U B . n 
B 1 9  A 9  25 25 A A B . n 
B 1 10 A 10 26 26 A A B . n 
B 1 11 A 11 27 27 A A B . n 
B 1 12 U 12 28 28 U U B . n 
B 1 13 C 13 29 29 C C B . n 
B 1 14 U 14 30 30 U U B . n 
B 1 15 G 15 31 31 G G B . n 
B 1 16 C 16 32 32 C C B . n 
# 
loop_
_pdbx_nonpoly_scheme.asym_id 
_pdbx_nonpoly_scheme.entity_id 
_pdbx_nonpoly_scheme.mon_id 
_pdbx_nonpoly_scheme.ndb_seq_num 
_pdbx_nonpoly_scheme.pdb_seq_num 
_pdbx_nonpoly_scheme.auth_seq_num 
_pdbx_nonpoly_scheme.pdb_mon_id 
_pdbx_nonpoly_scheme.auth_mon_id 
_pdbx_nonpoly_scheme.pdb_strand_id 
_pdbx_nonpoly_scheme.pdb_ins_code 
C 2 NA  1  89 89 NA  NA  A . 
D 3 HOH 1  36 36 HOH HOH A . 
D 3 HOH 2  39 39 HOH HOH A . 
D 3 HOH 3  41 41 HOH HOH A . 
D 3 HOH 4  42 42 HOH HOH A . 
D 3 HOH 5  43 43 HOH HOH A . 
D 3 HOH 6  48 48 HOH HOH A . 
D 3 HOH 7  49 49 HOH HOH A . 
D 3 HOH 8  51 51 HOH HOH A . 
D 3 HOH 9  52 52 HOH HOH A . 
D 3 HOH 10 54 54 HOH HOH A . 
D 3 HOH 11 55 55 HOH HOH A . 
D 3 HOH 12 57 57 HOH HOH A . 
D 3 HOH 13 58 58 HOH HOH A . 
D 3 HOH 14 59 59 HOH HOH A . 
D 3 HOH 15 61 61 HOH HOH A . 
D 3 HOH 16 63 63 HOH HOH A . 
D 3 HOH 17 64 64 HOH HOH A . 
D 3 HOH 18 65 65 HOH HOH A . 
D 3 HOH 19 67 67 HOH HOH A . 
D 3 HOH 20 73 73 HOH HOH A . 
D 3 HOH 21 75 75 HOH HOH A . 
D 3 HOH 22 78 78 HOH HOH A . 
D 3 HOH 23 80 80 HOH HOH A . 
D 3 HOH 24 83 83 HOH HOH A . 
D 3 HOH 25 87 87 HOH HOH A . 
E 3 HOH 1  33 33 HOH HOH B . 
E 3 HOH 2  34 34 HOH HOH B . 
E 3 HOH 3  35 35 HOH HOH B . 
E 3 HOH 4  37 37 HOH HOH B . 
E 3 HOH 5  38 38 HOH HOH B . 
E 3 HOH 6  40 40 HOH HOH B . 
E 3 HOH 7  44 44 HOH HOH B . 
E 3 HOH 8  45 45 HOH HOH B . 
E 3 HOH 9  46 46 HOH HOH B . 
E 3 HOH 10 47 47 HOH HOH B . 
E 3 HOH 11 50 50 HOH HOH B . 
E 3 HOH 12 53 53 HOH HOH B . 
E 3 HOH 13 56 56 HOH HOH B . 
E 3 HOH 14 60 60 HOH HOH B . 
E 3 HOH 15 62 62 HOH HOH B . 
E 3 HOH 16 66 66 HOH HOH B . 
E 3 HOH 17 68 68 HOH HOH B . 
E 3 HOH 18 69 69 HOH HOH B . 
E 3 HOH 19 70 70 HOH HOH B . 
E 3 HOH 20 71 71 HOH HOH B . 
E 3 HOH 21 72 72 HOH HOH B . 
E 3 HOH 22 74 74 HOH HOH B . 
E 3 HOH 23 76 76 HOH HOH B . 
E 3 HOH 24 77 77 HOH HOH B . 
E 3 HOH 25 79 79 HOH HOH B . 
E 3 HOH 26 81 81 HOH HOH B . 
E 3 HOH 27 82 82 HOH HOH B . 
E 3 HOH 28 84 84 HOH HOH B . 
E 3 HOH 29 85 85 HOH HOH B . 
E 3 HOH 30 86 86 HOH HOH B . 
E 3 HOH 31 88 88 HOH HOH B . 
# 
loop_
_software.name 
_software.classification 
_software.version 
_software.citation_id 
_software.pdbx_ordinal 
X-PLOR refinement       3.1          ? 1 
R-AXIS 'data reduction' 'IIC V. 2.1' ? 2 
MSC    'data scaling'   .            ? 3 
# 
_cell.entry_id           420D 
_cell.length_a           42.530 
_cell.length_b           42.530 
_cell.length_c           128.060 
_cell.angle_alpha        90.00 
_cell.angle_beta         90.00 
_cell.angle_gamma        120.00 
_cell.Z_PDB              18 
_cell.pdbx_unique_axis   ? 
# 
_symmetry.entry_id                         420D 
_symmetry.space_group_name_H-M             'H 3' 
_symmetry.pdbx_full_space_group_name_H-M   ? 
_symmetry.cell_setting                     trigonal 
_symmetry.Int_Tables_number                146 
# 
_exptl.entry_id          420D 
_exptl.method            'X-RAY DIFFRACTION' 
_exptl.crystals_number   1 
# 
_exptl_crystal.id                    1 
_exptl_crystal.density_meas          ? 
_exptl_crystal.density_Matthews      2.18 
_exptl_crystal.density_percent_sol   43.47 
_exptl_crystal.description           ? 
# 
_exptl_crystal_grow.crystal_id      1 
_exptl_crystal_grow.method          'VAPOR DIFFUSION' 
_exptl_crystal_grow.temp            ? 
_exptl_crystal_grow.temp_details    ? 
_exptl_crystal_grow.pH              7.00 
_exptl_crystal_grow.pdbx_details    'pH 7.00, VAPOR DIFFUSION' 
_exptl_crystal_grow.pdbx_pH_range   ? 
# 
loop_
_exptl_crystal_grow_comp.crystal_id 
_exptl_crystal_grow_comp.id 
_exptl_crystal_grow_comp.sol_id 
_exptl_crystal_grow_comp.name 
_exptl_crystal_grow_comp.volume 
_exptl_crystal_grow_comp.conc 
_exptl_crystal_grow_comp.details 
1 1 1 WATER      ? ? ? 
1 2 1 KCL        ? ? ? 
1 3 1 CACL2      ? ? ? 
1 4 1 'NA HEPES' ? ? ? 
1 5 1 'PEG 400'  ? ? ? 
1 6 2 WATER      ? ? ? 
1 7 2 'PEG 400'  ? ? ? 
# 
_diffrn.id                     1 
_diffrn.ambient_temp           293.00 
_diffrn.ambient_temp_details   ? 
_diffrn.crystal_id             1 
# 
_diffrn_detector.diffrn_id              1 
_diffrn_detector.detector               'IMAGE PLATE' 
_diffrn_detector.type                   'RIGAKU RAXIS IIC' 
_diffrn_detector.pdbx_collection_date   1997-05-27 
_diffrn_detector.details                ? 
# 
_diffrn_radiation.diffrn_id                        1 
_diffrn_radiation.wavelength_id                    1 
_diffrn_radiation.pdbx_monochromatic_or_laue_m_l   M 
_diffrn_radiation.monochromator                    GRAPHITE 
_diffrn_radiation.pdbx_diffrn_protocol             'SINGLE WAVELENGTH' 
_diffrn_radiation.pdbx_scattering_type             x-ray 
# 
_diffrn_radiation_wavelength.id           1 
_diffrn_radiation_wavelength.wavelength   1.5418 
_diffrn_radiation_wavelength.wt           1.0 
# 
_diffrn_source.diffrn_id                   1 
_diffrn_source.source                      'ROTATING ANODE' 
_diffrn_source.type                        RIGAKU 
_diffrn_source.pdbx_synchrotron_site       ? 
_diffrn_source.pdbx_synchrotron_beamline   ? 
_diffrn_source.pdbx_wavelength             1.5418 
_diffrn_source.pdbx_wavelength_list        ? 
# 
_reflns.entry_id                     420D 
_reflns.observed_criterion_sigma_I   ? 
_reflns.observed_criterion_sigma_F   ? 
_reflns.d_resolution_low             21.270 
_reflns.d_resolution_high            1.820 
_reflns.number_obs                   7377 
_reflns.number_all                   ? 
_reflns.percent_possible_obs         87.000 
_reflns.pdbx_Rmerge_I_obs            0.0730000 
_reflns.pdbx_Rsym_value              ? 
_reflns.pdbx_netI_over_sigmaI        ? 
_reflns.B_iso_Wilson_estimate        ? 
_reflns.pdbx_redundancy              2.800 
_reflns.pdbx_diffrn_id               1 
_reflns.pdbx_ordinal                 1 
# 
_refine.entry_id                                 420D 
_refine.ls_number_reflns_obs                     5433 
_refine.ls_number_reflns_all                     5433 
_refine.pdbx_ls_sigma_I                          ? 
_refine.pdbx_ls_sigma_F                          2.000 
_refine.pdbx_data_cutoff_high_absF               ? 
_refine.pdbx_data_cutoff_low_absF                ? 
_refine.pdbx_data_cutoff_high_rms_absF           ? 
_refine.ls_d_res_low                             8.000 
_refine.ls_d_res_high                            1.900 
_refine.ls_percent_reflns_obs                    80.800 
_refine.ls_R_factor_obs                          0.1970000 
_refine.ls_R_factor_all                          0.2070000 
_refine.ls_R_factor_R_work                       0.1970000 
_refine.ls_R_factor_R_free                       0.2960000 
_refine.ls_R_factor_R_free_error                 ? 
_refine.ls_R_factor_R_free_error_details         ? 
_refine.ls_percent_reflns_R_free                 10.000 
_refine.ls_number_reflns_R_free                  569 
_refine.ls_number_parameters                     ? 
_refine.ls_number_restraints                     ? 
_refine.occupancy_min                            ? 
_refine.occupancy_max                            ? 
_refine.B_iso_mean                               ? 
_refine.aniso_B[1][1]                            ? 
_refine.aniso_B[2][2]                            ? 
_refine.aniso_B[3][3]                            ? 
_refine.aniso_B[1][2]                            ? 
_refine.aniso_B[1][3]                            ? 
_refine.aniso_B[2][3]                            ? 
_refine.solvent_model_details                    ? 
_refine.solvent_model_param_ksol                 ? 
_refine.solvent_model_param_bsol                 ? 
_refine.pdbx_ls_cross_valid_method               ? 
_refine.details                                  ? 
_refine.pdbx_starting_model                      ? 
_refine.pdbx_method_to_determine_struct          ? 
_refine.pdbx_isotropic_thermal_model             ISOTROPIC 
_refine.pdbx_stereochemistry_target_values       ? 
_refine.pdbx_stereochem_target_val_spec_case     ? 
_refine.pdbx_R_Free_selection_details            ? 
_refine.pdbx_overall_ESU_R                       ? 
_refine.pdbx_overall_ESU_R_Free                  ? 
_refine.overall_SU_ML                            ? 
_refine.overall_SU_B                             ? 
_refine.pdbx_refine_id                           'X-RAY DIFFRACTION' 
_refine.pdbx_diffrn_id                           1 
_refine.pdbx_TLS_residual_ADP_flag               ? 
_refine.correlation_coeff_Fo_to_Fc               ? 
_refine.correlation_coeff_Fo_to_Fc_free          ? 
_refine.pdbx_solvent_vdw_probe_radii             ? 
_refine.pdbx_solvent_ion_probe_radii             ? 
_refine.pdbx_solvent_shrinkage_radii             ? 
_refine.pdbx_overall_phase_error                 ? 
_refine.overall_SU_R_Cruickshank_DPI             ? 
_refine.pdbx_overall_SU_R_free_Cruickshank_DPI   ? 
_refine.pdbx_overall_SU_R_Blow_DPI               ? 
_refine.pdbx_overall_SU_R_free_Blow_DPI          ? 
# 
_refine_analyze.entry_id                        420D 
_refine_analyze.Luzzati_coordinate_error_obs    0.29 
_refine_analyze.Luzzati_sigma_a_obs             ? 
_refine_analyze.Luzzati_d_res_low_obs           ? 
_refine_analyze.Luzzati_coordinate_error_free   ? 
_refine_analyze.Luzzati_sigma_a_free            ? 
_refine_analyze.Luzzati_d_res_low_free          ? 
_refine_analyze.number_disordered_residues      ? 
_refine_analyze.occupancy_sum_hydrogen          ? 
_refine_analyze.occupancy_sum_non_hydrogen      ? 
_refine_analyze.pdbx_refine_id                  'X-RAY DIFFRACTION' 
# 
_refine_hist.pdbx_refine_id                   'X-RAY DIFFRACTION' 
_refine_hist.cycle_id                         LAST 
_refine_hist.pdbx_number_atoms_protein        0 
_refine_hist.pdbx_number_atoms_nucleic_acid   678 
_refine_hist.pdbx_number_atoms_ligand         1 
_refine_hist.number_atoms_solvent             56 
_refine_hist.number_atoms_total               735 
_refine_hist.d_res_high                       1.900 
_refine_hist.d_res_low                        8.000 
# 
loop_
_refine_ls_restr.type 
_refine_ls_restr.dev_ideal 
_refine_ls_restr.dev_ideal_target 
_refine_ls_restr.weight 
_refine_ls_restr.number 
_refine_ls_restr.pdbx_refine_id 
_refine_ls_restr.pdbx_restraint_function 
x_bond_d                0.005 ? ? ? 'X-RAY DIFFRACTION' ? 
x_bond_d_na             ?     ? ? ? 'X-RAY DIFFRACTION' ? 
x_bond_d_prot           ?     ? ? ? 'X-RAY DIFFRACTION' ? 
x_angle_d               ?     ? ? ? 'X-RAY DIFFRACTION' ? 
x_angle_d_na            ?     ? ? ? 'X-RAY DIFFRACTION' ? 
x_angle_d_prot          ?     ? ? ? 'X-RAY DIFFRACTION' ? 
x_angle_deg             0.90  ? ? ? 'X-RAY DIFFRACTION' ? 
x_angle_deg_na          ?     ? ? ? 'X-RAY DIFFRACTION' ? 
x_angle_deg_prot        ?     ? ? ? 'X-RAY DIFFRACTION' ? 
x_dihedral_angle_d      ?     ? ? ? 'X-RAY DIFFRACTION' ? 
x_dihedral_angle_d_na   ?     ? ? ? 'X-RAY DIFFRACTION' ? 
x_dihedral_angle_d_prot ?     ? ? ? 'X-RAY DIFFRACTION' ? 
x_improper_angle_d      ?     ? ? ? 'X-RAY DIFFRACTION' ? 
x_improper_angle_d_na   ?     ? ? ? 'X-RAY DIFFRACTION' ? 
x_improper_angle_d_prot ?     ? ? ? 'X-RAY DIFFRACTION' ? 
x_mcbond_it             ?     ? ? ? 'X-RAY DIFFRACTION' ? 
x_mcangle_it            ?     ? ? ? 'X-RAY DIFFRACTION' ? 
x_scbond_it             ?     ? ? ? 'X-RAY DIFFRACTION' ? 
x_scangle_it            ?     ? ? ? 'X-RAY DIFFRACTION' ? 
# 
_struct.entry_id                  420D 
_struct.title                     'CRYSTAL STRUCTURE OF A 16-MER RNA DUPLEX WITH NON-ADJACENT A(ANTI).G(SYN) MISMATCHES' 
_struct.pdbx_model_details        ? 
_struct.pdbx_CASP_flag            ? 
_struct.pdbx_model_type_details   ? 
# 
_struct_keywords.entry_id        420D 
_struct_keywords.pdbx_keywords   RNA 
_struct_keywords.text            'A-RNA STRUCTURE, MISMATCH A RNA, RNA' 
# 
loop_
_struct_asym.id 
_struct_asym.pdbx_blank_PDB_chainid_flag 
_struct_asym.pdbx_modified 
_struct_asym.entity_id 
_struct_asym.details 
A N N 1 ? 
B N N 1 ? 
C N N 2 ? 
D N N 3 ? 
E N N 3 ? 
# 
_struct_ref.id                         1 
_struct_ref.entity_id                  1 
_struct_ref.db_name                    PDB 
_struct_ref.db_code                    420D 
_struct_ref.pdbx_db_accession          420D 
_struct_ref.pdbx_db_isoform            ? 
_struct_ref.pdbx_seq_one_letter_code   ? 
_struct_ref.pdbx_align_begin           ? 
# 
loop_
_struct_ref_seq.align_id 
_struct_ref_seq.ref_id 
_struct_ref_seq.pdbx_PDB_id_code 
_struct_ref_seq.pdbx_strand_id 
_struct_ref_seq.seq_align_beg 
_struct_ref_seq.pdbx_seq_align_beg_ins_code 
_struct_ref_seq.seq_align_end 
_struct_ref_seq.pdbx_seq_align_end_ins_code 
_struct_ref_seq.pdbx_db_accession 
_struct_ref_seq.db_align_beg 
_struct_ref_seq.pdbx_db_align_beg_ins_code 
_struct_ref_seq.db_align_end 
_struct_ref_seq.pdbx_db_align_end_ins_code 
_struct_ref_seq.pdbx_auth_seq_align_beg 
_struct_ref_seq.pdbx_auth_seq_align_end 
1 1 420D A 1 ? 16 ? 420D 1  ? 16 ? 1  16 
2 1 420D B 1 ? 16 ? 420D 17 ? 32 ? 17 32 
# 
_pdbx_struct_assembly.id                   1 
_pdbx_struct_assembly.details              author_defined_assembly 
_pdbx_struct_assembly.method_details       ? 
_pdbx_struct_assembly.oligomeric_details   dimeric 
_pdbx_struct_assembly.oligomeric_count     2 
# 
_pdbx_struct_assembly_gen.assembly_id       1 
_pdbx_struct_assembly_gen.oper_expression   1 
_pdbx_struct_assembly_gen.asym_id_list      A,B,C,D,E 
# 
_pdbx_struct_oper_list.id                   1 
_pdbx_struct_oper_list.type                 'identity operation' 
_pdbx_struct_oper_list.name                 1_555 
_pdbx_struct_oper_list.symmetry_operation   x,y,z 
_pdbx_struct_oper_list.matrix[1][1]         1.0000000000 
_pdbx_struct_oper_list.matrix[1][2]         0.0000000000 
_pdbx_struct_oper_list.matrix[1][3]         0.0000000000 
_pdbx_struct_oper_list.vector[1]            0.0000000000 
_pdbx_struct_oper_list.matrix[2][1]         0.0000000000 
_pdbx_struct_oper_list.matrix[2][2]         1.0000000000 
_pdbx_struct_oper_list.matrix[2][3]         0.0000000000 
_pdbx_struct_oper_list.vector[2]            0.0000000000 
_pdbx_struct_oper_list.matrix[3][1]         0.0000000000 
_pdbx_struct_oper_list.matrix[3][2]         0.0000000000 
_pdbx_struct_oper_list.matrix[3][3]         1.0000000000 
_pdbx_struct_oper_list.vector[3]            0.0000000000 
# 
_struct_biol.id   1 
# 
loop_
_struct_conn.id 
_struct_conn.conn_type_id 
_struct_conn.pdbx_leaving_atom_flag 
_struct_conn.pdbx_PDB_id 
_struct_conn.ptnr1_label_asym_id 
_struct_conn.ptnr1_label_comp_id 
_struct_conn.ptnr1_label_seq_id 
_struct_conn.ptnr1_label_atom_id 
_struct_conn.pdbx_ptnr1_label_alt_id 
_struct_conn.pdbx_ptnr1_PDB_ins_code 
_struct_conn.pdbx_ptnr1_standard_comp_id 
_struct_conn.ptnr1_symmetry 
_struct_conn.ptnr2_label_asym_id 
_struct_conn.ptnr2_label_comp_id 
_struct_conn.ptnr2_label_seq_id 
_struct_conn.ptnr2_label_atom_id 
_struct_conn.pdbx_ptnr2_label_alt_id 
_struct_conn.pdbx_ptnr2_PDB_ins_code 
_struct_conn.ptnr1_auth_asym_id 
_struct_conn.ptnr1_auth_comp_id 
_struct_conn.ptnr1_auth_seq_id 
_struct_conn.ptnr2_auth_asym_id 
_struct_conn.ptnr2_auth_comp_id 
_struct_conn.ptnr2_auth_seq_id 
_struct_conn.ptnr2_symmetry 
_struct_conn.pdbx_ptnr3_label_atom_id 
_struct_conn.pdbx_ptnr3_label_seq_id 
_struct_conn.pdbx_ptnr3_label_comp_id 
_struct_conn.pdbx_ptnr3_label_asym_id 
_struct_conn.pdbx_ptnr3_label_alt_id 
_struct_conn.pdbx_ptnr3_PDB_ins_code 
_struct_conn.details 
_struct_conn.pdbx_dist_value 
_struct_conn.pdbx_value_order 
_struct_conn.pdbx_role 
metalc1  metalc ? ? A U   14 OP1 ? ? ? 3_565 C NA .  NA ? ? A U   14 A NA 89 1_555 ? ? ? ? ? ? ?             2.587 ? ? 
metalc2  metalc ? ? A U   14 OP1 ? ? ? 2_665 C NA .  NA ? ? A U   14 A NA 89 1_555 ? ? ? ? ? ? ?             2.584 ? ? 
metalc3  metalc ? ? A U   14 OP1 ? ? ? 1_555 C NA .  NA ? ? A U   14 A NA 89 1_555 ? ? ? ? ? ? ?             2.601 ? ? 
metalc4  metalc ? ? D HOH .  O   ? ? ? 1_555 C NA .  NA ? ? A HOH 48 A NA 89 1_555 ? ? ? ? ? ? ?             2.427 ? ? 
metalc5  metalc ? ? D HOH .  O   ? ? ? 3_565 C NA .  NA ? ? A HOH 48 A NA 89 1_555 ? ? ? ? ? ? ?             2.427 ? ? 
metalc6  metalc ? ? D HOH .  O   ? ? ? 2_665 C NA .  NA ? ? A HOH 48 A NA 89 1_555 ? ? ? ? ? ? ?             2.412 ? ? 
hydrog1  hydrog ? ? A G   1  N1  ? ? ? 1_555 B C  16 N3 ? ? A G   1  B C  32 1_555 ? ? ? ? ? ? WATSON-CRICK  ?     ? ? 
hydrog2  hydrog ? ? A G   1  N2  ? ? ? 1_555 B C  16 O2 ? ? A G   1  B C  32 1_555 ? ? ? ? ? ? WATSON-CRICK  ?     ? ? 
hydrog3  hydrog ? ? A G   1  O6  ? ? ? 1_555 B C  16 N4 ? ? A G   1  B C  32 1_555 ? ? ? ? ? ? WATSON-CRICK  ?     ? ? 
hydrog4  hydrog ? ? A C   2  N3  ? ? ? 1_555 B G  15 N1 ? ? A C   2  B G  31 1_555 ? ? ? ? ? ? WATSON-CRICK  ?     ? ? 
hydrog5  hydrog ? ? A C   2  N4  ? ? ? 1_555 B G  15 O6 ? ? A C   2  B G  31 1_555 ? ? ? ? ? ? WATSON-CRICK  ?     ? ? 
hydrog6  hydrog ? ? A C   2  O2  ? ? ? 1_555 B G  15 N2 ? ? A C   2  B G  31 1_555 ? ? ? ? ? ? WATSON-CRICK  ?     ? ? 
hydrog7  hydrog ? ? A A   3  N1  ? ? ? 1_555 B U  14 N3 ? ? A A   3  B U  30 1_555 ? ? ? ? ? ? WATSON-CRICK  ?     ? ? 
hydrog8  hydrog ? ? A A   3  N6  ? ? ? 1_555 B U  14 O4 ? ? A A   3  B U  30 1_555 ? ? ? ? ? ? WATSON-CRICK  ?     ? ? 
hydrog9  hydrog ? ? A G   4  N1  ? ? ? 1_555 B C  13 N3 ? ? A G   4  B C  29 1_555 ? ? ? ? ? ? WATSON-CRICK  ?     ? ? 
hydrog10 hydrog ? ? A G   4  N2  ? ? ? 1_555 B C  13 O2 ? ? A G   4  B C  29 1_555 ? ? ? ? ? ? WATSON-CRICK  ?     ? ? 
hydrog11 hydrog ? ? A G   4  O6  ? ? ? 1_555 B C  13 N4 ? ? A G   4  B C  29 1_555 ? ? ? ? ? ? WATSON-CRICK  ?     ? ? 
hydrog12 hydrog ? ? A A   5  N1  ? ? ? 1_555 B U  12 N3 ? ? A A   5  B U  28 1_555 ? ? ? ? ? ? WATSON-CRICK  ?     ? ? 
hydrog13 hydrog ? ? A A   5  N6  ? ? ? 1_555 B U  12 O4 ? ? A A   5  B U  28 1_555 ? ? ? ? ? ? WATSON-CRICK  ?     ? ? 
hydrog14 hydrog ? ? A G   6  O6  ? ? ? 1_555 B A  11 N6 ? ? A G   6  B A  27 1_555 ? ? ? ? ? ? 'G-A MISPAIR' ?     ? ? 
hydrog15 hydrog ? ? A U   7  N3  ? ? ? 1_555 B A  10 N1 ? ? A U   7  B A  26 1_555 ? ? ? ? ? ? WATSON-CRICK  ?     ? ? 
hydrog16 hydrog ? ? A U   7  O4  ? ? ? 1_555 B A  10 N6 ? ? A U   7  B A  26 1_555 ? ? ? ? ? ? WATSON-CRICK  ?     ? ? 
hydrog17 hydrog ? ? A U   8  N3  ? ? ? 1_555 B A  9  N1 ? ? A U   8  B A  25 1_555 ? ? ? ? ? ? WATSON-CRICK  ?     ? ? 
hydrog18 hydrog ? ? A U   8  O4  ? ? ? 1_555 B A  9  N6 ? ? A U   8  B A  25 1_555 ? ? ? ? ? ? WATSON-CRICK  ?     ? ? 
hydrog19 hydrog ? ? A A   9  N1  ? ? ? 1_555 B U  8  N3 ? ? A A   9  B U  24 1_555 ? ? ? ? ? ? WATSON-CRICK  ?     ? ? 
hydrog20 hydrog ? ? A A   9  N6  ? ? ? 1_555 B U  8  O4 ? ? A A   9  B U  24 1_555 ? ? ? ? ? ? WATSON-CRICK  ?     ? ? 
hydrog21 hydrog ? ? A A   10 N1  ? ? ? 1_555 B U  7  N3 ? ? A A   10 B U  23 1_555 ? ? ? ? ? ? WATSON-CRICK  ?     ? ? 
hydrog22 hydrog ? ? A A   10 N6  ? ? ? 1_555 B U  7  O4 ? ? A A   10 B U  23 1_555 ? ? ? ? ? ? WATSON-CRICK  ?     ? ? 
hydrog23 hydrog ? ? A A   11 N6  ? ? ? 1_555 B G  6  O6 ? ? A A   11 B G  22 1_555 ? ? ? ? ? ? 'A-G MISPAIR' ?     ? ? 
hydrog24 hydrog ? ? A U   12 N3  ? ? ? 1_555 B A  5  N1 ? ? A U   12 B A  21 1_555 ? ? ? ? ? ? WATSON-CRICK  ?     ? ? 
hydrog25 hydrog ? ? A U   12 O4  ? ? ? 1_555 B A  5  N6 ? ? A U   12 B A  21 1_555 ? ? ? ? ? ? WATSON-CRICK  ?     ? ? 
hydrog26 hydrog ? ? A C   13 N3  ? ? ? 1_555 B G  4  N1 ? ? A C   13 B G  20 1_555 ? ? ? ? ? ? WATSON-CRICK  ?     ? ? 
hydrog27 hydrog ? ? A C   13 N4  ? ? ? 1_555 B G  4  O6 ? ? A C   13 B G  20 1_555 ? ? ? ? ? ? WATSON-CRICK  ?     ? ? 
hydrog28 hydrog ? ? A C   13 O2  ? ? ? 1_555 B G  4  N2 ? ? A C   13 B G  20 1_555 ? ? ? ? ? ? WATSON-CRICK  ?     ? ? 
hydrog29 hydrog ? ? A U   14 N3  ? ? ? 1_555 B A  3  N1 ? ? A U   14 B A  19 1_555 ? ? ? ? ? ? WATSON-CRICK  ?     ? ? 
hydrog30 hydrog ? ? A U   14 O4  ? ? ? 1_555 B A  3  N6 ? ? A U   14 B A  19 1_555 ? ? ? ? ? ? WATSON-CRICK  ?     ? ? 
hydrog31 hydrog ? ? A G   15 N1  ? ? ? 1_555 B C  2  N3 ? ? A G   15 B C  18 1_555 ? ? ? ? ? ? WATSON-CRICK  ?     ? ? 
hydrog32 hydrog ? ? A G   15 N2  ? ? ? 1_555 B C  2  O2 ? ? A G   15 B C  18 1_555 ? ? ? ? ? ? WATSON-CRICK  ?     ? ? 
hydrog33 hydrog ? ? A G   15 O6  ? ? ? 1_555 B C  2  N4 ? ? A G   15 B C  18 1_555 ? ? ? ? ? ? WATSON-CRICK  ?     ? ? 
hydrog34 hydrog ? ? A C   16 N3  ? ? ? 1_555 B G  1  N1 ? ? A C   16 B G  17 1_555 ? ? ? ? ? ? WATSON-CRICK  ?     ? ? 
hydrog35 hydrog ? ? A C   16 N4  ? ? ? 1_555 B G  1  O6 ? ? A C   16 B G  17 1_555 ? ? ? ? ? ? WATSON-CRICK  ?     ? ? 
hydrog36 hydrog ? ? A C   16 O2  ? ? ? 1_555 B G  1  N2 ? ? A C   16 B G  17 1_555 ? ? ? ? ? ? WATSON-CRICK  ?     ? ? 
# 
loop_
_struct_conn_type.id 
_struct_conn_type.criteria 
_struct_conn_type.reference 
metalc ? ? 
hydrog ? ? 
# 
loop_
_pdbx_struct_conn_angle.id 
_pdbx_struct_conn_angle.ptnr1_label_atom_id 
_pdbx_struct_conn_angle.ptnr1_label_alt_id 
_pdbx_struct_conn_angle.ptnr1_label_asym_id 
_pdbx_struct_conn_angle.ptnr1_label_comp_id 
_pdbx_struct_conn_angle.ptnr1_label_seq_id 
_pdbx_struct_conn_angle.ptnr1_auth_atom_id 
_pdbx_struct_conn_angle.ptnr1_auth_asym_id 
_pdbx_struct_conn_angle.ptnr1_auth_comp_id 
_pdbx_struct_conn_angle.ptnr1_auth_seq_id 
_pdbx_struct_conn_angle.ptnr1_PDB_ins_code 
_pdbx_struct_conn_angle.ptnr1_symmetry 
_pdbx_struct_conn_angle.ptnr2_label_atom_id 
_pdbx_struct_conn_angle.ptnr2_label_alt_id 
_pdbx_struct_conn_angle.ptnr2_label_asym_id 
_pdbx_struct_conn_angle.ptnr2_label_comp_id 
_pdbx_struct_conn_angle.ptnr2_label_seq_id 
_pdbx_struct_conn_angle.ptnr2_auth_atom_id 
_pdbx_struct_conn_angle.ptnr2_auth_asym_id 
_pdbx_struct_conn_angle.ptnr2_auth_comp_id 
_pdbx_struct_conn_angle.ptnr2_auth_seq_id 
_pdbx_struct_conn_angle.ptnr2_PDB_ins_code 
_pdbx_struct_conn_angle.ptnr2_symmetry 
_pdbx_struct_conn_angle.ptnr3_label_atom_id 
_pdbx_struct_conn_angle.ptnr3_label_alt_id 
_pdbx_struct_conn_angle.ptnr3_label_asym_id 
_pdbx_struct_conn_angle.ptnr3_label_comp_id 
_pdbx_struct_conn_angle.ptnr3_label_seq_id 
_pdbx_struct_conn_angle.ptnr3_auth_atom_id 
_pdbx_struct_conn_angle.ptnr3_auth_asym_id 
_pdbx_struct_conn_angle.ptnr3_auth_comp_id 
_pdbx_struct_conn_angle.ptnr3_auth_seq_id 
_pdbx_struct_conn_angle.ptnr3_PDB_ins_code 
_pdbx_struct_conn_angle.ptnr3_symmetry 
_pdbx_struct_conn_angle.value 
_pdbx_struct_conn_angle.value_esd 
1  OP1 ? A U   14 ? A U   14 ? 3_565 NA ? C NA . ? A NA 89 ? 1_555 OP1 ? A U   14 ? A U   14 ? 2_665 113.3 ? 
2  OP1 ? A U   14 ? A U   14 ? 3_565 NA ? C NA . ? A NA 89 ? 1_555 OP1 ? A U   14 ? A U   14 ? 1_555 112.7 ? 
3  OP1 ? A U   14 ? A U   14 ? 2_665 NA ? C NA . ? A NA 89 ? 1_555 OP1 ? A U   14 ? A U   14 ? 1_555 112.8 ? 
4  OP1 ? A U   14 ? A U   14 ? 3_565 NA ? C NA . ? A NA 89 ? 1_555 O   ? D HOH .  ? A HOH 48 ? 1_555 162.1 ? 
5  OP1 ? A U   14 ? A U   14 ? 2_665 NA ? C NA . ? A NA 89 ? 1_555 O   ? D HOH .  ? A HOH 48 ? 1_555 82.0  ? 
6  OP1 ? A U   14 ? A U   14 ? 1_555 NA ? C NA . ? A NA 89 ? 1_555 O   ? D HOH .  ? A HOH 48 ? 1_555 66.4  ? 
7  OP1 ? A U   14 ? A U   14 ? 3_565 NA ? C NA . ? A NA 89 ? 1_555 O   ? D HOH .  ? A HOH 48 ? 3_565 66.6  ? 
8  OP1 ? A U   14 ? A U   14 ? 2_665 NA ? C NA . ? A NA 89 ? 1_555 O   ? D HOH .  ? A HOH 48 ? 3_565 162.6 ? 
9  OP1 ? A U   14 ? A U   14 ? 1_555 NA ? C NA . ? A NA 89 ? 1_555 O   ? D HOH .  ? A HOH 48 ? 3_565 81.6  ? 
10 O   ? D HOH .  ? A HOH 48 ? 1_555 NA ? C NA . ? A NA 89 ? 1_555 O   ? D HOH .  ? A HOH 48 ? 3_565 95.9  ? 
11 OP1 ? A U   14 ? A U   14 ? 3_565 NA ? C NA . ? A NA 89 ? 1_555 O   ? D HOH .  ? A HOH 48 ? 2_665 82.2  ? 
12 OP1 ? A U   14 ? A U   14 ? 2_665 NA ? C NA . ? A NA 89 ? 1_555 O   ? D HOH .  ? A HOH 48 ? 2_665 66.9  ? 
13 OP1 ? A U   14 ? A U   14 ? 1_555 NA ? C NA . ? A NA 89 ? 1_555 O   ? D HOH .  ? A HOH 48 ? 2_665 162.1 ? 
14 O   ? D HOH .  ? A HOH 48 ? 1_555 NA ? C NA . ? A NA 89 ? 1_555 O   ? D HOH .  ? A HOH 48 ? 2_665 96.3  ? 
15 O   ? D HOH .  ? A HOH 48 ? 3_565 NA ? C NA . ? A NA 89 ? 1_555 O   ? D HOH .  ? A HOH 48 ? 2_665 96.3  ? 
# 
_struct_site.id                   AC1 
_struct_site.pdbx_evidence_code   Software 
_struct_site.pdbx_auth_asym_id    A 
_struct_site.pdbx_auth_comp_id    NA 
_struct_site.pdbx_auth_seq_id     89 
_struct_site.pdbx_auth_ins_code   ? 
_struct_site.pdbx_num_residues    6 
_struct_site.details              'BINDING SITE FOR RESIDUE NA A 89' 
# 
loop_
_struct_site_gen.id 
_struct_site_gen.site_id 
_struct_site_gen.pdbx_num_res 
_struct_site_gen.label_comp_id 
_struct_site_gen.label_asym_id 
_struct_site_gen.label_seq_id 
_struct_site_gen.pdbx_auth_ins_code 
_struct_site_gen.auth_comp_id 
_struct_site_gen.auth_asym_id 
_struct_site_gen.auth_seq_id 
_struct_site_gen.label_atom_id 
_struct_site_gen.label_alt_id 
_struct_site_gen.symmetry 
_struct_site_gen.details 
1 AC1 6 U   A 14 ? U   A 14 . ? 3_565 ? 
2 AC1 6 U   A 14 ? U   A 14 . ? 1_555 ? 
3 AC1 6 U   A 14 ? U   A 14 . ? 2_665 ? 
4 AC1 6 HOH D .  ? HOH A 48 . ? 1_555 ? 
5 AC1 6 HOH D .  ? HOH A 48 . ? 2_665 ? 
6 AC1 6 HOH D .  ? HOH A 48 . ? 3_565 ? 
# 
_pdbx_validate_close_contact.id               1 
_pdbx_validate_close_contact.PDB_model_num    1 
_pdbx_validate_close_contact.auth_atom_id_1   "O3'" 
_pdbx_validate_close_contact.auth_asym_id_1   B 
_pdbx_validate_close_contact.auth_comp_id_1   A 
_pdbx_validate_close_contact.auth_seq_id_1    21 
_pdbx_validate_close_contact.PDB_ins_code_1   ? 
_pdbx_validate_close_contact.label_alt_id_1   ? 
_pdbx_validate_close_contact.auth_atom_id_2   O 
_pdbx_validate_close_contact.auth_asym_id_2   B 
_pdbx_validate_close_contact.auth_comp_id_2   HOH 
_pdbx_validate_close_contact.auth_seq_id_2    88 
_pdbx_validate_close_contact.PDB_ins_code_2   ? 
_pdbx_validate_close_contact.label_alt_id_2   ? 
_pdbx_validate_close_contact.dist             2.02 
# 
loop_
_pdbx_struct_special_symmetry.id 
_pdbx_struct_special_symmetry.PDB_model_num 
_pdbx_struct_special_symmetry.auth_asym_id 
_pdbx_struct_special_symmetry.auth_comp_id 
_pdbx_struct_special_symmetry.auth_seq_id 
_pdbx_struct_special_symmetry.PDB_ins_code 
_pdbx_struct_special_symmetry.label_asym_id 
_pdbx_struct_special_symmetry.label_comp_id 
_pdbx_struct_special_symmetry.label_seq_id 
1 1 A NA  89 ? C NA  . 
2 1 A HOH 73 ? D HOH . 
3 1 B HOH 72 ? E HOH . 
# 
loop_
_chem_comp_atom.comp_id 
_chem_comp_atom.atom_id 
_chem_comp_atom.type_symbol 
_chem_comp_atom.pdbx_aromatic_flag 
_chem_comp_atom.pdbx_stereo_config 
_chem_comp_atom.pdbx_ordinal 
A   OP3    O  N N 1   
A   P      P  N N 2   
A   OP1    O  N N 3   
A   OP2    O  N N 4   
A   "O5'"  O  N N 5   
A   "C5'"  C  N N 6   
A   "C4'"  C  N R 7   
A   "O4'"  O  N N 8   
A   "C3'"  C  N S 9   
A   "O3'"  O  N N 10  
A   "C2'"  C  N R 11  
A   "O2'"  O  N N 12  
A   "C1'"  C  N R 13  
A   N9     N  Y N 14  
A   C8     C  Y N 15  
A   N7     N  Y N 16  
A   C5     C  Y N 17  
A   C6     C  Y N 18  
A   N6     N  N N 19  
A   N1     N  Y N 20  
A   C2     C  Y N 21  
A   N3     N  Y N 22  
A   C4     C  Y N 23  
A   HOP3   H  N N 24  
A   HOP2   H  N N 25  
A   "H5'"  H  N N 26  
A   "H5''" H  N N 27  
A   "H4'"  H  N N 28  
A   "H3'"  H  N N 29  
A   "HO3'" H  N N 30  
A   "H2'"  H  N N 31  
A   "HO2'" H  N N 32  
A   "H1'"  H  N N 33  
A   H8     H  N N 34  
A   H61    H  N N 35  
A   H62    H  N N 36  
A   H2     H  N N 37  
C   OP3    O  N N 38  
C   P      P  N N 39  
C   OP1    O  N N 40  
C   OP2    O  N N 41  
C   "O5'"  O  N N 42  
C   "C5'"  C  N N 43  
C   "C4'"  C  N R 44  
C   "O4'"  O  N N 45  
C   "C3'"  C  N S 46  
C   "O3'"  O  N N 47  
C   "C2'"  C  N R 48  
C   "O2'"  O  N N 49  
C   "C1'"  C  N R 50  
C   N1     N  N N 51  
C   C2     C  N N 52  
C   O2     O  N N 53  
C   N3     N  N N 54  
C   C4     C  N N 55  
C   N4     N  N N 56  
C   C5     C  N N 57  
C   C6     C  N N 58  
C   HOP3   H  N N 59  
C   HOP2   H  N N 60  
C   "H5'"  H  N N 61  
C   "H5''" H  N N 62  
C   "H4'"  H  N N 63  
C   "H3'"  H  N N 64  
C   "HO3'" H  N N 65  
C   "H2'"  H  N N 66  
C   "HO2'" H  N N 67  
C   "H1'"  H  N N 68  
C   H41    H  N N 69  
C   H42    H  N N 70  
C   H5     H  N N 71  
C   H6     H  N N 72  
G   OP3    O  N N 73  
G   P      P  N N 74  
G   OP1    O  N N 75  
G   OP2    O  N N 76  
G   "O5'"  O  N N 77  
G   "C5'"  C  N N 78  
G   "C4'"  C  N R 79  
G   "O4'"  O  N N 80  
G   "C3'"  C  N S 81  
G   "O3'"  O  N N 82  
G   "C2'"  C  N R 83  
G   "O2'"  O  N N 84  
G   "C1'"  C  N R 85  
G   N9     N  Y N 86  
G   C8     C  Y N 87  
G   N7     N  Y N 88  
G   C5     C  Y N 89  
G   C6     C  N N 90  
G   O6     O  N N 91  
G   N1     N  N N 92  
G   C2     C  N N 93  
G   N2     N  N N 94  
G   N3     N  N N 95  
G   C4     C  Y N 96  
G   HOP3   H  N N 97  
G   HOP2   H  N N 98  
G   "H5'"  H  N N 99  
G   "H5''" H  N N 100 
G   "H4'"  H  N N 101 
G   "H3'"  H  N N 102 
G   "HO3'" H  N N 103 
G   "H2'"  H  N N 104 
G   "HO2'" H  N N 105 
G   "H1'"  H  N N 106 
G   H8     H  N N 107 
G   H1     H  N N 108 
G   H21    H  N N 109 
G   H22    H  N N 110 
HOH O      O  N N 111 
HOH H1     H  N N 112 
HOH H2     H  N N 113 
NA  NA     NA N N 114 
U   OP3    O  N N 115 
U   P      P  N N 116 
U   OP1    O  N N 117 
U   OP2    O  N N 118 
U   "O5'"  O  N N 119 
U   "C5'"  C  N N 120 
U   "C4'"  C  N R 121 
U   "O4'"  O  N N 122 
U   "C3'"  C  N S 123 
U   "O3'"  O  N N 124 
U   "C2'"  C  N R 125 
U   "O2'"  O  N N 126 
U   "C1'"  C  N R 127 
U   N1     N  N N 128 
U   C2     C  N N 129 
U   O2     O  N N 130 
U   N3     N  N N 131 
U   C4     C  N N 132 
U   O4     O  N N 133 
U   C5     C  N N 134 
U   C6     C  N N 135 
U   HOP3   H  N N 136 
U   HOP2   H  N N 137 
U   "H5'"  H  N N 138 
U   "H5''" H  N N 139 
U   "H4'"  H  N N 140 
U   "H3'"  H  N N 141 
U   "HO3'" H  N N 142 
U   "H2'"  H  N N 143 
U   "HO2'" H  N N 144 
U   "H1'"  H  N N 145 
U   H3     H  N N 146 
U   H5     H  N N 147 
U   H6     H  N N 148 
# 
loop_
_chem_comp_bond.comp_id 
_chem_comp_bond.atom_id_1 
_chem_comp_bond.atom_id_2 
_chem_comp_bond.value_order 
_chem_comp_bond.pdbx_aromatic_flag 
_chem_comp_bond.pdbx_stereo_config 
_chem_comp_bond.pdbx_ordinal 
A   OP3   P      sing N N 1   
A   OP3   HOP3   sing N N 2   
A   P     OP1    doub N N 3   
A   P     OP2    sing N N 4   
A   P     "O5'"  sing N N 5   
A   OP2   HOP2   sing N N 6   
A   "O5'" "C5'"  sing N N 7   
A   "C5'" "C4'"  sing N N 8   
A   "C5'" "H5'"  sing N N 9   
A   "C5'" "H5''" sing N N 10  
A   "C4'" "O4'"  sing N N 11  
A   "C4'" "C3'"  sing N N 12  
A   "C4'" "H4'"  sing N N 13  
A   "O4'" "C1'"  sing N N 14  
A   "C3'" "O3'"  sing N N 15  
A   "C3'" "C2'"  sing N N 16  
A   "C3'" "H3'"  sing N N 17  
A   "O3'" "HO3'" sing N N 18  
A   "C2'" "O2'"  sing N N 19  
A   "C2'" "C1'"  sing N N 20  
A   "C2'" "H2'"  sing N N 21  
A   "O2'" "HO2'" sing N N 22  
A   "C1'" N9     sing N N 23  
A   "C1'" "H1'"  sing N N 24  
A   N9    C8     sing Y N 25  
A   N9    C4     sing Y N 26  
A   C8    N7     doub Y N 27  
A   C8    H8     sing N N 28  
A   N7    C5     sing Y N 29  
A   C5    C6     sing Y N 30  
A   C5    C4     doub Y N 31  
A   C6    N6     sing N N 32  
A   C6    N1     doub Y N 33  
A   N6    H61    sing N N 34  
A   N6    H62    sing N N 35  
A   N1    C2     sing Y N 36  
A   C2    N3     doub Y N 37  
A   C2    H2     sing N N 38  
A   N3    C4     sing Y N 39  
C   OP3   P      sing N N 40  
C   OP3   HOP3   sing N N 41  
C   P     OP1    doub N N 42  
C   P     OP2    sing N N 43  
C   P     "O5'"  sing N N 44  
C   OP2   HOP2   sing N N 45  
C   "O5'" "C5'"  sing N N 46  
C   "C5'" "C4'"  sing N N 47  
C   "C5'" "H5'"  sing N N 48  
C   "C5'" "H5''" sing N N 49  
C   "C4'" "O4'"  sing N N 50  
C   "C4'" "C3'"  sing N N 51  
C   "C4'" "H4'"  sing N N 52  
C   "O4'" "C1'"  sing N N 53  
C   "C3'" "O3'"  sing N N 54  
C   "C3'" "C2'"  sing N N 55  
C   "C3'" "H3'"  sing N N 56  
C   "O3'" "HO3'" sing N N 57  
C   "C2'" "O2'"  sing N N 58  
C   "C2'" "C1'"  sing N N 59  
C   "C2'" "H2'"  sing N N 60  
C   "O2'" "HO2'" sing N N 61  
C   "C1'" N1     sing N N 62  
C   "C1'" "H1'"  sing N N 63  
C   N1    C2     sing N N 64  
C   N1    C6     sing N N 65  
C   C2    O2     doub N N 66  
C   C2    N3     sing N N 67  
C   N3    C4     doub N N 68  
C   C4    N4     sing N N 69  
C   C4    C5     sing N N 70  
C   N4    H41    sing N N 71  
C   N4    H42    sing N N 72  
C   C5    C6     doub N N 73  
C   C5    H5     sing N N 74  
C   C6    H6     sing N N 75  
G   OP3   P      sing N N 76  
G   OP3   HOP3   sing N N 77  
G   P     OP1    doub N N 78  
G   P     OP2    sing N N 79  
G   P     "O5'"  sing N N 80  
G   OP2   HOP2   sing N N 81  
G   "O5'" "C5'"  sing N N 82  
G   "C5'" "C4'"  sing N N 83  
G   "C5'" "H5'"  sing N N 84  
G   "C5'" "H5''" sing N N 85  
G   "C4'" "O4'"  sing N N 86  
G   "C4'" "C3'"  sing N N 87  
G   "C4'" "H4'"  sing N N 88  
G   "O4'" "C1'"  sing N N 89  
G   "C3'" "O3'"  sing N N 90  
G   "C3'" "C2'"  sing N N 91  
G   "C3'" "H3'"  sing N N 92  
G   "O3'" "HO3'" sing N N 93  
G   "C2'" "O2'"  sing N N 94  
G   "C2'" "C1'"  sing N N 95  
G   "C2'" "H2'"  sing N N 96  
G   "O2'" "HO2'" sing N N 97  
G   "C1'" N9     sing N N 98  
G   "C1'" "H1'"  sing N N 99  
G   N9    C8     sing Y N 100 
G   N9    C4     sing Y N 101 
G   C8    N7     doub Y N 102 
G   C8    H8     sing N N 103 
G   N7    C5     sing Y N 104 
G   C5    C6     sing N N 105 
G   C5    C4     doub Y N 106 
G   C6    O6     doub N N 107 
G   C6    N1     sing N N 108 
G   N1    C2     sing N N 109 
G   N1    H1     sing N N 110 
G   C2    N2     sing N N 111 
G   C2    N3     doub N N 112 
G   N2    H21    sing N N 113 
G   N2    H22    sing N N 114 
G   N3    C4     sing N N 115 
HOH O     H1     sing N N 116 
HOH O     H2     sing N N 117 
U   OP3   P      sing N N 118 
U   OP3   HOP3   sing N N 119 
U   P     OP1    doub N N 120 
U   P     OP2    sing N N 121 
U   P     "O5'"  sing N N 122 
U   OP2   HOP2   sing N N 123 
U   "O5'" "C5'"  sing N N 124 
U   "C5'" "C4'"  sing N N 125 
U   "C5'" "H5'"  sing N N 126 
U   "C5'" "H5''" sing N N 127 
U   "C4'" "O4'"  sing N N 128 
U   "C4'" "C3'"  sing N N 129 
U   "C4'" "H4'"  sing N N 130 
U   "O4'" "C1'"  sing N N 131 
U   "C3'" "O3'"  sing N N 132 
U   "C3'" "C2'"  sing N N 133 
U   "C3'" "H3'"  sing N N 134 
U   "O3'" "HO3'" sing N N 135 
U   "C2'" "O2'"  sing N N 136 
U   "C2'" "C1'"  sing N N 137 
U   "C2'" "H2'"  sing N N 138 
U   "O2'" "HO2'" sing N N 139 
U   "C1'" N1     sing N N 140 
U   "C1'" "H1'"  sing N N 141 
U   N1    C2     sing N N 142 
U   N1    C6     sing N N 143 
U   C2    O2     doub N N 144 
U   C2    N3     sing N N 145 
U   N3    C4     sing N N 146 
U   N3    H3     sing N N 147 
U   C4    O4     doub N N 148 
U   C4    C5     sing N N 149 
U   C5    C6     doub N N 150 
U   C5    H5     sing N N 151 
U   C6    H6     sing N N 152 
# 
loop_
_ndb_struct_conf_na.entry_id 
_ndb_struct_conf_na.feature 
420D 'double helix'         
420D 'a-form double helix'  
420D 'mismatched base pair' 
# 
loop_
_ndb_struct_na_base_pair.model_number 
_ndb_struct_na_base_pair.i_label_asym_id 
_ndb_struct_na_base_pair.i_label_comp_id 
_ndb_struct_na_base_pair.i_label_seq_id 
_ndb_struct_na_base_pair.i_symmetry 
_ndb_struct_na_base_pair.j_label_asym_id 
_ndb_struct_na_base_pair.j_label_comp_id 
_ndb_struct_na_base_pair.j_label_seq_id 
_ndb_struct_na_base_pair.j_symmetry 
_ndb_struct_na_base_pair.shear 
_ndb_struct_na_base_pair.stretch 
_ndb_struct_na_base_pair.stagger 
_ndb_struct_na_base_pair.buckle 
_ndb_struct_na_base_pair.propeller 
_ndb_struct_na_base_pair.opening 
_ndb_struct_na_base_pair.pair_number 
_ndb_struct_na_base_pair.pair_name 
_ndb_struct_na_base_pair.i_auth_asym_id 
_ndb_struct_na_base_pair.i_auth_seq_id 
_ndb_struct_na_base_pair.i_PDB_ins_code 
_ndb_struct_na_base_pair.j_auth_asym_id 
_ndb_struct_na_base_pair.j_auth_seq_id 
_ndb_struct_na_base_pair.j_PDB_ins_code 
_ndb_struct_na_base_pair.hbond_type_28 
_ndb_struct_na_base_pair.hbond_type_12 
1 A G 1  1_555 B C 16 1_555 -0.865 -0.255 0.294  -1.724 -17.416 0.985   1  A_G1:C32_B  A 1  ? B 32 ? 19 1 
1 A C 2  1_555 B G 15 1_555 0.455  -0.375 0.232  2.418  -16.782 1.960   2  A_C2:G31_B  A 2  ? B 31 ? 19 1 
1 A A 3  1_555 B U 14 1_555 0.502  -0.212 0.126  -1.736 -14.380 1.786   3  A_A3:U30_B  A 3  ? B 30 ? 20 1 
1 A G 4  1_555 B C 13 1_555 -0.117 -0.259 -0.035 -3.972 -13.860 -1.698  4  A_G4:C29_B  A 4  ? B 29 ? 19 1 
1 A A 5  1_555 B U 12 1_555 0.219  -0.098 -0.049 -3.038 -12.091 4.305   5  A_A5:U28_B  A 5  ? B 28 ? 20 1 
1 A G 6  1_555 B A 11 1_555 0.211  -4.493 -0.672 7.463  19.677  87.495  6  A_G6:A27_B  A 6  ? B 27 ? ?  ? 
1 A U 7  1_555 B A 10 1_555 0.078  -0.202 0.263  -6.905 -10.640 4.109   7  A_U7:A26_B  A 7  ? B 26 ? 20 1 
1 A U 8  1_555 B A 9  1_555 0.000  -0.242 -0.052 -3.448 -10.136 4.481   8  A_U8:A25_B  A 8  ? B 25 ? 20 1 
1 A A 9  1_555 B U 8  1_555 0.340  -0.260 0.120  1.881  -4.304  6.153   9  A_A9:U24_B  A 9  ? B 24 ? 20 1 
1 A A 10 1_555 B U 7  1_555 -0.126 -0.231 0.179  7.785  -11.395 3.491   10 A_A10:U23_B A 10 ? B 23 ? 20 1 
1 A A 11 1_555 B G 6  1_555 0.005  4.450  0.504  -7.891 -16.216 -82.747 11 A_A11:G22_B A 11 ? B 22 ? ?  ? 
1 A U 12 1_555 B A 5  1_555 -0.120 0.062  -0.166 6.725  -15.939 4.942   12 A_U12:A21_B A 12 ? B 21 ? 20 1 
1 A C 13 1_555 B G 4  1_555 0.587  -0.323 -0.227 4.900  -10.714 -2.088  13 A_C13:G20_B A 13 ? B 20 ? 19 1 
1 A U 14 1_555 B A 3  1_555 -0.196 -0.294 0.293  -2.358 -9.552  1.304   14 A_U14:A19_B A 14 ? B 19 ? 20 1 
1 A G 15 1_555 B C 2  1_555 -0.692 -0.178 0.113  -4.956 -16.932 5.567   15 A_G15:C18_B A 15 ? B 18 ? 19 1 
1 A C 16 1_555 B G 1  1_555 0.906  -0.218 0.289  0.901  -12.103 0.471   16 A_C16:G17_B A 16 ? B 17 ? 19 1 
# 
loop_
_ndb_struct_na_base_pair_step.model_number 
_ndb_struct_na_base_pair_step.i_label_asym_id_1 
_ndb_struct_na_base_pair_step.i_label_comp_id_1 
_ndb_struct_na_base_pair_step.i_label_seq_id_1 
_ndb_struct_na_base_pair_step.i_symmetry_1 
_ndb_struct_na_base_pair_step.j_label_asym_id_1 
_ndb_struct_na_base_pair_step.j_label_comp_id_1 
_ndb_struct_na_base_pair_step.j_label_seq_id_1 
_ndb_struct_na_base_pair_step.j_symmetry_1 
_ndb_struct_na_base_pair_step.i_label_asym_id_2 
_ndb_struct_na_base_pair_step.i_label_comp_id_2 
_ndb_struct_na_base_pair_step.i_label_seq_id_2 
_ndb_struct_na_base_pair_step.i_symmetry_2 
_ndb_struct_na_base_pair_step.j_label_asym_id_2 
_ndb_struct_na_base_pair_step.j_label_comp_id_2 
_ndb_struct_na_base_pair_step.j_label_seq_id_2 
_ndb_struct_na_base_pair_step.j_symmetry_2 
_ndb_struct_na_base_pair_step.shift 
_ndb_struct_na_base_pair_step.slide 
_ndb_struct_na_base_pair_step.rise 
_ndb_struct_na_base_pair_step.tilt 
_ndb_struct_na_base_pair_step.roll 
_ndb_struct_na_base_pair_step.twist 
_ndb_struct_na_base_pair_step.x_displacement 
_ndb_struct_na_base_pair_step.y_displacement 
_ndb_struct_na_base_pair_step.helical_rise 
_ndb_struct_na_base_pair_step.inclination 
_ndb_struct_na_base_pair_step.tip 
_ndb_struct_na_base_pair_step.helical_twist 
_ndb_struct_na_base_pair_step.step_number 
_ndb_struct_na_base_pair_step.step_name 
_ndb_struct_na_base_pair_step.i_auth_asym_id_1 
_ndb_struct_na_base_pair_step.i_auth_seq_id_1 
_ndb_struct_na_base_pair_step.i_PDB_ins_code_1 
_ndb_struct_na_base_pair_step.j_auth_asym_id_1 
_ndb_struct_na_base_pair_step.j_auth_seq_id_1 
_ndb_struct_na_base_pair_step.j_PDB_ins_code_1 
_ndb_struct_na_base_pair_step.i_auth_asym_id_2 
_ndb_struct_na_base_pair_step.i_auth_seq_id_2 
_ndb_struct_na_base_pair_step.i_PDB_ins_code_2 
_ndb_struct_na_base_pair_step.j_auth_asym_id_2 
_ndb_struct_na_base_pair_step.j_auth_seq_id_2 
_ndb_struct_na_base_pair_step.j_PDB_ins_code_2 
1 A G 1  1_555 B C 16 1_555 A C 2  1_555 B G 15 1_555 -0.205 -1.056 3.245  0.051   1.490    39.118   -1.752  0.311  3.204  2.224   
-0.075  39.146   1  AA_G1C2:G31C32_BB   A 1  ? B 32 ? A 2  ? B 31 ? 
1 A C 2  1_555 B G 15 1_555 A A 3  1_555 B U 14 1_555 0.150  -1.527 3.316  0.717   6.918    34.869   -3.482  -0.144 2.971  11.404  
-1.182  35.535   2  AA_C2A3:U30G31_BB   A 2  ? B 31 ? A 3  ? B 30 ? 
1 A A 3  1_555 B U 14 1_555 A G 4  1_555 B C 13 1_555 -0.271 -2.094 3.326  1.620   10.468   26.496   -6.398  0.883  2.326  21.764  
-3.369  28.500   3  AA_A3G4:C29U30_BB   A 3  ? B 30 ? A 4  ? B 29 ? 
1 A G 4  1_555 B C 13 1_555 A A 5  1_555 B U 12 1_555 0.113  -1.549 3.332  -1.138  14.156   31.671   -4.614  -0.351 2.434  24.458  
1.967   34.635   4  AA_G4A5:U28C29_BB   A 4  ? B 29 ? A 5  ? B 28 ? 
1 A A 5  1_555 B U 12 1_555 A G 6  1_555 B A 11 1_555 0.212  3.369  -1.291 165.697 -16.627  -127.211 -1.715  -0.172 -1.103 8.383   
83.542  -174.023 5  AA_A5G6:A27U28_BB   A 5  ? B 28 ? A 6  ? B 27 ? 
1 A G 6  1_555 B A 11 1_555 A U 7  1_555 B A 10 1_555 0.120  -3.869 -2.409 138.554 -105.562 119.266  -2.203  -0.411 -0.847 -53.022 
-69.594 177.061  6  AA_G6U7:A26A27_BB   A 6  ? B 27 ? A 7  ? B 26 ? 
1 A U 7  1_555 B A 10 1_555 A U 8  1_555 B A 9  1_555 -0.143 -1.606 3.177  2.667   6.265    28.308   -4.454  0.820  2.741  12.580  
-5.356  29.099   7  AA_U7U8:A25A26_BB   A 7  ? B 26 ? A 8  ? B 25 ? 
1 A U 8  1_555 B A 9  1_555 A A 9  1_555 B U 8  1_555 0.155  -1.047 3.239  -1.960  5.006    33.113   -2.609  -0.580 3.039  8.712   
3.411   33.535   8  AA_U8A9:U24A25_BB   A 8  ? B 25 ? A 9  ? B 24 ? 
1 A A 9  1_555 B U 8  1_555 A A 10 1_555 B U 7  1_555 0.004  -1.718 3.128  0.789   6.246    25.681   -5.244  0.178  2.642  13.790  
-1.742  26.429   9  AA_A9A10:U23U24_BB  A 9  ? B 24 ? A 10 ? B 23 ? 
1 A A 10 1_555 B U 7  1_555 A A 11 1_555 B G 6  1_555 0.935  -3.321 2.986  4.407   9.310    75.828   -2.922  -0.644 2.668  7.542   
-3.570  76.420   10 AA_A10A11:G22U23_BB A 10 ? B 23 ? A 11 ? B 22 ? 
1 A A 11 1_555 B G 6  1_555 A U 12 1_555 B A 5  1_555 -1.134 0.970  3.206  4.923   9.491    -11.878  -10.049 -0.679 2.162  -37.394 
19.396  -15.969  11 AA_A11U12:A21G22_BB A 11 ? B 22 ? A 12 ? B 21 ? 
1 A U 12 1_555 B A 5  1_555 A C 13 1_555 B G 4  1_555 -0.314 -1.471 3.440  -0.221  15.371   33.281   -4.380  0.471  2.541  25.231  
0.362   36.568   12 AA_U12C13:G20A21_BB A 12 ? B 21 ? A 13 ? B 20 ? 
1 A C 13 1_555 B G 4  1_555 A U 14 1_555 B A 3  1_555 0.205  -2.185 3.482  -3.291  9.833    24.777   -7.089  -1.239 2.407  21.739  
7.275   26.828   13 AA_C13U14:A19G20_BB A 13 ? B 20 ? A 14 ? B 19 ? 
1 A U 14 1_555 B A 3  1_555 A G 15 1_555 B C 2  1_555 -0.037 -1.569 3.178  1.260   6.750    33.277   -3.687  0.250  2.812  11.633  
-2.172  33.958   14 AA_U14G15:C18A19_BB A 14 ? B 19 ? A 15 ? B 18 ? 
1 A G 15 1_555 B C 2  1_555 A C 16 1_555 B G 1  1_555 0.056  -1.059 3.246  -0.577  0.714    39.890   -1.633  -0.148 3.227  1.046   
0.845   39.900   15 AA_G15C16:G17C18_BB A 15 ? B 18 ? A 16 ? B 17 ? 
# 
_atom_sites.entry_id                    420D 
_atom_sites.fract_transf_matrix[1][1]   -0.00288309 
_atom_sites.fract_transf_matrix[1][2]   -0.01608594 
_atom_sites.fract_transf_matrix[1][3]   -0.02168114 
_atom_sites.fract_transf_matrix[2][1]   -0.00854616 
_atom_sites.fract_transf_matrix[2][2]   0.01039937 
_atom_sites.fract_transf_matrix[2][3]   -0.02357835 
_atom_sites.fract_transf_matrix[3][1]   0.00739765 
_atom_sites.fract_transf_matrix[3][2]   0.00143503 
_atom_sites.fract_transf_matrix[3][3]   -0.00204841 
_atom_sites.fract_transf_vector[1]      0.428517 
_atom_sites.fract_transf_vector[2]      0.427403 
_atom_sites.fract_transf_vector[3]      0.040401 
# 
loop_
_atom_type.symbol 
C  
N  
NA 
O  
P  
# 
loop_
_atom_site.group_PDB 
_atom_site.id 
_atom_site.type_symbol 
_atom_site.label_atom_id 
_atom_site.label_alt_id 
_atom_site.label_comp_id 
_atom_site.label_asym_id 
_atom_site.label_entity_id 
_atom_site.label_seq_id 
_atom_site.pdbx_PDB_ins_code 
_atom_site.Cartn_x 
_atom_site.Cartn_y 
_atom_site.Cartn_z 
_atom_site.occupancy 
_atom_site.B_iso_or_equiv 
_atom_site.pdbx_formal_charge 
_atom_site.auth_seq_id 
_atom_site.auth_comp_id 
_atom_site.auth_asym_id 
_atom_site.auth_atom_id 
_atom_site.pdbx_PDB_model_num 
ATOM   1   O  "O5'" . G   A 1 1  ? 16.014  9.648   0.730   1.00 36.88 ? 1  G   A "O5'" 1 
ATOM   2   C  "C5'" . G   A 1 1  ? 15.471  10.971  0.789   1.00 30.42 ? 1  G   A "C5'" 1 
ATOM   3   C  "C4'" . G   A 1 1  ? 15.626  11.656  -0.545  1.00 32.10 ? 1  G   A "C4'" 1 
ATOM   4   O  "O4'" . G   A 1 1  ? 16.964  11.391  -1.024  1.00 27.76 ? 1  G   A "O4'" 1 
ATOM   5   C  "C3'" . G   A 1 1  ? 14.720  11.142  -1.651  1.00 33.87 ? 1  G   A "C3'" 1 
ATOM   6   O  "O3'" . G   A 1 1  ? 13.466  11.818  -1.636  1.00 46.64 ? 1  G   A "O3'" 1 
ATOM   7   C  "C2'" . G   A 1 1  ? 15.520  11.470  -2.902  1.00 28.19 ? 1  G   A "C2'" 1 
ATOM   8   O  "O2'" . G   A 1 1  ? 15.396  12.818  -3.292  1.00 33.49 ? 1  G   A "O2'" 1 
ATOM   9   C  "C1'" . G   A 1 1  ? 16.945  11.197  -2.423  1.00 25.47 ? 1  G   A "C1'" 1 
ATOM   10  N  N9    . G   A 1 1  ? 17.381  9.831   -2.669  1.00 20.12 ? 1  G   A N9    1 
ATOM   11  C  C8    . G   A 1 1  ? 17.660  8.872   -1.727  1.00 19.67 ? 1  G   A C8    1 
ATOM   12  N  N7    . G   A 1 1  ? 18.035  7.736   -2.251  1.00 24.45 ? 1  G   A N7    1 
ATOM   13  C  C5    . G   A 1 1  ? 17.999  7.964   -3.624  1.00 24.75 ? 1  G   A C5    1 
ATOM   14  C  C6    . G   A 1 1  ? 18.312  7.102   -4.716  1.00 21.56 ? 1  G   A C6    1 
ATOM   15  O  O6    . G   A 1 1  ? 18.695  5.926   -4.688  1.00 24.75 ? 1  G   A O6    1 
ATOM   16  N  N1    . G   A 1 1  ? 18.138  7.744   -5.936  1.00 23.99 ? 1  G   A N1    1 
ATOM   17  C  C2    . G   A 1 1  ? 17.720  9.044   -6.091  1.00 23.83 ? 1  G   A C2    1 
ATOM   18  N  N2    . G   A 1 1  ? 17.619  9.496   -7.355  1.00 31.32 ? 1  G   A N2    1 
ATOM   19  N  N3    . G   A 1 1  ? 17.425  9.849   -5.086  1.00 25.49 ? 1  G   A N3    1 
ATOM   20  C  C4    . G   A 1 1  ? 17.592  9.251   -3.894  1.00 18.72 ? 1  G   A C4    1 
ATOM   21  P  P     . C   A 1 2  ? 12.101  10.967  -1.710  1.00 47.83 ? 2  C   A P     1 
ATOM   22  O  OP1   . C   A 1 2  ? 10.970  11.814  -1.247  1.00 46.50 ? 2  C   A OP1   1 
ATOM   23  O  OP2   . C   A 1 2  ? 12.369  9.666   -1.043  1.00 54.49 ? 2  C   A OP2   1 
ATOM   24  O  "O5'" . C   A 1 2  ? 11.912  10.679  -3.260  1.00 37.58 ? 2  C   A "O5'" 1 
ATOM   25  C  "C5'" . C   A 1 2  ? 11.768  11.756  -4.182  1.00 32.04 ? 2  C   A "C5'" 1 
ATOM   26  C  "C4'" . C   A 1 2  ? 12.102  11.280  -5.565  1.00 37.84 ? 2  C   A "C4'" 1 
ATOM   27  O  "O4'" . C   A 1 2  ? 13.476  10.802  -5.572  1.00 41.05 ? 2  C   A "O4'" 1 
ATOM   28  C  "C3'" . C   A 1 2  ? 11.334  10.059  -6.037  1.00 41.36 ? 2  C   A "C3'" 1 
ATOM   29  O  "O3'" . C   A 1 2  ? 10.032  10.369  -6.498  1.00 42.91 ? 2  C   A "O3'" 1 
ATOM   30  C  "C2'" . C   A 1 2  ? 12.229  9.554   -7.158  1.00 41.50 ? 2  C   A "C2'" 1 
ATOM   31  O  "O2'" . C   A 1 2  ? 12.097  10.320  -8.346  1.00 42.90 ? 2  C   A "O2'" 1 
ATOM   32  C  "C1'" . C   A 1 2  ? 13.609  9.755   -6.527  1.00 37.06 ? 2  C   A "C1'" 1 
ATOM   33  N  N1    . C   A 1 2  ? 14.071  8.554   -5.824  1.00 26.45 ? 2  C   A N1    1 
ATOM   34  C  C2    . C   A 1 2  ? 14.616  7.516   -6.572  1.00 24.98 ? 2  C   A C2    1 
ATOM   35  O  O2    . C   A 1 2  ? 14.674  7.632   -7.807  1.00 23.55 ? 2  C   A O2    1 
ATOM   36  N  N3    . C   A 1 2  ? 15.063  6.410   -5.939  1.00 26.71 ? 2  C   A N3    1 
ATOM   37  C  C4    . C   A 1 2  ? 14.967  6.320   -4.612  1.00 25.47 ? 2  C   A C4    1 
ATOM   38  N  N4    . C   A 1 2  ? 15.434  5.211   -4.028  1.00 27.11 ? 2  C   A N4    1 
ATOM   39  C  C5    . C   A 1 2  ? 14.393  7.359   -3.825  1.00 24.89 ? 2  C   A C5    1 
ATOM   40  C  C6    . C   A 1 2  ? 13.966  8.452   -4.467  1.00 22.65 ? 2  C   A C6    1 
ATOM   41  P  P     . A   A 1 3  ? 8.856   9.293   -6.305  1.00 40.06 ? 3  A   A P     1 
ATOM   42  O  OP1   . A   A 1 3  ? 7.595   9.980   -6.679  1.00 46.10 ? 3  A   A OP1   1 
ATOM   43  O  OP2   . A   A 1 3  ? 8.991   8.676   -4.952  1.00 34.33 ? 3  A   A OP2   1 
ATOM   44  O  "O5'" . A   A 1 3  ? 9.179   8.184   -7.403  1.00 36.13 ? 3  A   A "O5'" 1 
ATOM   45  C  "C5'" . A   A 1 3  ? 9.110   8.510   -8.796  1.00 35.24 ? 3  A   A "C5'" 1 
ATOM   46  C  "C4'" . A   A 1 3  ? 9.629   7.371   -9.630  1.00 39.19 ? 3  A   A "C4'" 1 
ATOM   47  O  "O4'" . A   A 1 3  ? 11.053  7.181   -9.392  1.00 41.98 ? 3  A   A "O4'" 1 
ATOM   48  C  "C3'" . A   A 1 3  ? 9.062   6.004   -9.317  1.00 37.95 ? 3  A   A "C3'" 1 
ATOM   49  O  "O3'" . A   A 1 3  ? 7.763   5.810   -9.835  1.00 40.95 ? 3  A   A "O3'" 1 
ATOM   50  C  "C2'" . A   A 1 3  ? 10.095  5.117   -9.986  1.00 35.99 ? 3  A   A "C2'" 1 
ATOM   51  O  "O2'" . A   A 1 3  ? 10.012  5.186   -11.397 1.00 35.81 ? 3  A   A "O2'" 1 
ATOM   52  C  "C1'" . A   A 1 3  ? 11.375  5.801   -9.516  1.00 35.76 ? 3  A   A "C1'" 1 
ATOM   53  N  N9    . A   A 1 3  ? 11.747  5.303   -8.195  1.00 29.39 ? 3  A   A N9    1 
ATOM   54  C  C8    . A   A 1 3  ? 11.493  5.867   -6.970  1.00 27.40 ? 3  A   A C8    1 
ATOM   55  N  N7    . A   A 1 3  ? 11.930  5.156   -5.959  1.00 24.13 ? 3  A   A N7    1 
ATOM   56  C  C5    . A   A 1 3  ? 12.516  4.050   -6.559  1.00 25.01 ? 3  A   A C5    1 
ATOM   57  C  C6    . A   A 1 3  ? 13.166  2.916   -6.032  1.00 24.17 ? 3  A   A C6    1 
ATOM   58  N  N6    . A   A 1 3  ? 13.321  2.687   -4.724  1.00 19.75 ? 3  A   A N6    1 
ATOM   59  N  N1    . A   A 1 3  ? 13.652  2.011   -6.908  1.00 24.50 ? 3  A   A N1    1 
ATOM   60  C  C2    . A   A 1 3  ? 13.479  2.227   -8.219  1.00 26.96 ? 3  A   A C2    1 
ATOM   61  N  N3    . A   A 1 3  ? 12.878  3.247   -8.835  1.00 27.45 ? 3  A   A N3    1 
ATOM   62  C  C4    . A   A 1 3  ? 12.416  4.133   -7.937  1.00 28.12 ? 3  A   A C4    1 
ATOM   63  P  P     . G   A 1 4  ? 6.777   4.778   -9.098  1.00 44.74 ? 4  G   A P     1 
ATOM   64  O  OP1   . G   A 1 4  ? 5.415   4.965   -9.656  1.00 50.76 ? 4  G   A OP1   1 
ATOM   65  O  OP2   . G   A 1 4  ? 7.003   4.898   -7.630  1.00 43.04 ? 4  G   A OP2   1 
ATOM   66  O  "O5'" . G   A 1 4  ? 7.307   3.346   -9.544  1.00 37.81 ? 4  G   A "O5'" 1 
ATOM   67  C  "C5'" . G   A 1 4  ? 7.406   3.012   -10.931 1.00 39.74 ? 4  G   A "C5'" 1 
ATOM   68  C  "C4'" . G   A 1 4  ? 8.029   1.655   -11.091 1.00 40.00 ? 4  G   A "C4'" 1 
ATOM   69  O  "O4'" . G   A 1 4  ? 9.389   1.697   -10.590 1.00 38.29 ? 4  G   A "O4'" 1 
ATOM   70  C  "C3'" . G   A 1 4  ? 7.396   0.549   -10.261 1.00 42.49 ? 4  G   A "C3'" 1 
ATOM   71  O  "O3'" . G   A 1 4  ? 6.211   0.025   -10.842 1.00 41.41 ? 4  G   A "O3'" 1 
ATOM   72  C  "C2'" . G   A 1 4  ? 8.516   -0.473  -10.214 1.00 34.64 ? 4  G   A "C2'" 1 
ATOM   73  O  "O2'" . G   A 1 4  ? 8.653   -1.192  -11.419 1.00 38.08 ? 4  G   A "O2'" 1 
ATOM   74  C  "C1'" . G   A 1 4  ? 9.720   0.442   -10.020 1.00 33.28 ? 4  G   A "C1'" 1 
ATOM   75  N  N9    . G   A 1 4  ? 9.999   0.627   -8.598  1.00 30.73 ? 4  G   A N9    1 
ATOM   76  C  C8    . G   A 1 4  ? 9.632   1.669   -7.780  1.00 25.79 ? 4  G   A C8    1 
ATOM   77  N  N7    . G   A 1 4  ? 10.035  1.514   -6.547  1.00 20.66 ? 4  G   A N7    1 
ATOM   78  C  C5    . G   A 1 4  ? 10.712  0.298   -6.560  1.00 24.33 ? 4  G   A C5    1 
ATOM   79  C  C6    . G   A 1 4  ? 11.373  -0.407  -5.515  1.00 28.00 ? 4  G   A C6    1 
ATOM   80  O  O6    . G   A 1 4  ? 11.509  -0.082  -4.325  1.00 29.26 ? 4  G   A O6    1 
ATOM   81  N  N1    . G   A 1 4  ? 11.914  -1.613  -5.972  1.00 31.06 ? 4  G   A N1    1 
ATOM   82  C  C2    . G   A 1 4  ? 11.829  -2.078  -7.267  1.00 30.52 ? 4  G   A C2    1 
ATOM   83  N  N2    . G   A 1 4  ? 12.386  -3.265  -7.519  1.00 31.70 ? 4  G   A N2    1 
ATOM   84  N  N3    . G   A 1 4  ? 11.231  -1.425  -8.243  1.00 33.99 ? 4  G   A N3    1 
ATOM   85  C  C4    . G   A 1 4  ? 10.695  -0.256  -7.820  1.00 30.79 ? 4  G   A C4    1 
ATOM   86  P  P     . A   A 1 5  ? 5.073   -0.574  -9.884  1.00 36.61 ? 5  A   A P     1 
ATOM   87  O  OP1   . A   A 1 5  ? 3.872   -0.819  -10.703 1.00 46.26 ? 5  A   A OP1   1 
ATOM   88  O  OP2   . A   A 1 5  ? 4.974   0.270   -8.664  1.00 38.39 ? 5  A   A OP2   1 
ATOM   89  O  "O5'" . A   A 1 5  ? 5.681   -1.967  -9.428  1.00 33.66 ? 5  A   A "O5'" 1 
ATOM   90  C  "C5'" . A   A 1 5  ? 6.107   -2.929  -10.390 1.00 28.55 ? 5  A   A "C5'" 1 
ATOM   91  C  "C4'" . A   A 1 5  ? 6.652   -4.136  -9.683  1.00 31.80 ? 5  A   A "C4'" 1 
ATOM   92  O  "O4'" . A   A 1 5  ? 7.924   -3.805  -9.068  1.00 32.10 ? 5  A   A "O4'" 1 
ATOM   93  C  "C3'" . A   A 1 5  ? 5.795   -4.609  -8.522  1.00 32.32 ? 5  A   A "C3'" 1 
ATOM   94  O  "O3'" . A   A 1 5  ? 4.692   -5.395  -8.980  1.00 33.82 ? 5  A   A "O3'" 1 
ATOM   95  C  "C2'" . A   A 1 5  ? 6.806   -5.387  -7.690  1.00 30.26 ? 5  A   A "C2'" 1 
ATOM   96  O  "O2'" . A   A 1 5  ? 7.054   -6.688  -8.186  1.00 28.89 ? 5  A   A "O2'" 1 
ATOM   97  C  "C1'" . A   A 1 5  ? 8.056   -4.515  -7.847  1.00 33.05 ? 5  A   A "C1'" 1 
ATOM   98  N  N9    . A   A 1 5  ? 8.205   -3.537  -6.771  1.00 30.03 ? 5  A   A N9    1 
ATOM   99  C  C8    . A   A 1 5  ? 7.763   -2.243  -6.759  1.00 26.95 ? 5  A   A C8    1 
ATOM   100 N  N7    . A   A 1 5  ? 8.045   -1.600  -5.656  1.00 27.12 ? 5  A   A N7    1 
ATOM   101 C  C5    . A   A 1 5  ? 8.720   -2.535  -4.888  1.00 27.51 ? 5  A   A C5    1 
ATOM   102 C  C6    . A   A 1 5  ? 9.295   -2.470  -3.606  1.00 26.84 ? 5  A   A C6    1 
ATOM   103 N  N6    . A   A 1 5  ? 9.288   -1.375  -2.842  1.00 26.78 ? 5  A   A N6    1 
ATOM   104 N  N1    . A   A 1 5  ? 9.891   -3.582  -3.132  1.00 28.65 ? 5  A   A N1    1 
ATOM   105 C  C2    . A   A 1 5  ? 9.910   -4.674  -3.902  1.00 29.28 ? 5  A   A C2    1 
ATOM   106 N  N3    . A   A 1 5  ? 9.412   -4.855  -5.121  1.00 27.87 ? 5  A   A N3    1 
ATOM   107 C  C4    . A   A 1 5  ? 8.823   -3.734  -5.562  1.00 26.66 ? 5  A   A C4    1 
ATOM   108 P  P     . G   A 1 6  ? 3.404   -5.611  -8.033  1.00 30.35 ? 6  G   A P     1 
ATOM   109 O  OP1   . G   A 1 6  ? 2.382   -6.254  -8.893  1.00 37.04 ? 6  G   A OP1   1 
ATOM   110 O  OP2   . G   A 1 6  ? 3.058   -4.369  -7.300  1.00 29.45 ? 6  G   A OP2   1 
ATOM   111 O  "O5'" . G   A 1 6  ? 3.928   -6.679  -6.981  1.00 29.88 ? 6  G   A "O5'" 1 
ATOM   112 C  "C5'" . G   A 1 6  ? 3.546   -6.637  -5.604  1.00 24.38 ? 6  G   A "C5'" 1 
ATOM   113 C  "C4'" . G   A 1 6  ? 4.477   -7.514  -4.803  1.00 24.99 ? 6  G   A "C4'" 1 
ATOM   114 O  "O4'" . G   A 1 6  ? 5.775   -6.863  -4.724  1.00 30.17 ? 6  G   A "O4'" 1 
ATOM   115 C  "C3'" . G   A 1 6  ? 4.102   -7.705  -3.351  1.00 29.44 ? 6  G   A "C3'" 1 
ATOM   116 O  "O3'" . G   A 1 6  ? 3.102   -8.696  -3.208  1.00 31.85 ? 6  G   A "O3'" 1 
ATOM   117 C  "C2'" . G   A 1 6  ? 5.439   -8.092  -2.739  1.00 24.91 ? 6  G   A "C2'" 1 
ATOM   118 O  "O2'" . G   A 1 6  ? 5.812   -9.422  -3.023  1.00 30.58 ? 6  G   A "O2'" 1 
ATOM   119 C  "C1'" . G   A 1 6  ? 6.370   -7.121  -3.462  1.00 27.93 ? 6  G   A "C1'" 1 
ATOM   120 N  N9    . G   A 1 6  ? 6.495   -5.858  -2.731  1.00 29.17 ? 6  G   A N9    1 
ATOM   121 C  C8    . G   A 1 6  ? 7.039   -5.701  -1.478  1.00 26.99 ? 6  G   A C8    1 
ATOM   122 N  N7    . G   A 1 6  ? 7.023   -4.466  -1.059  1.00 24.36 ? 6  G   A N7    1 
ATOM   123 C  C5    . G   A 1 6  ? 6.435   -3.756  -2.097  1.00 27.38 ? 6  G   A C5    1 
ATOM   124 C  C6    . G   A 1 6  ? 6.142   -2.371  -2.207  1.00 29.07 ? 6  G   A C6    1 
ATOM   125 O  O6    . G   A 1 6  ? 6.375   -1.470  -1.390  1.00 35.68 ? 6  G   A O6    1 
ATOM   126 N  N1    . G   A 1 6  ? 5.517   -2.070  -3.413  1.00 27.10 ? 6  G   A N1    1 
ATOM   127 C  C2    . G   A 1 6  ? 5.213   -2.982  -4.391  1.00 28.89 ? 6  G   A C2    1 
ATOM   128 N  N2    . G   A 1 6  ? 4.591   -2.490  -5.474  1.00 27.30 ? 6  G   A N2    1 
ATOM   129 N  N3    . G   A 1 6  ? 5.495   -4.279  -4.313  1.00 27.97 ? 6  G   A N3    1 
ATOM   130 C  C4    . G   A 1 6  ? 6.099   -4.596  -3.141  1.00 29.64 ? 6  G   A C4    1 
ATOM   131 P  P     . U   A 1 7  ? 1.845   -8.406  -2.254  1.00 33.18 ? 7  U   A P     1 
ATOM   132 O  OP1   . U   A 1 7  ? 0.868   -9.516  -2.362  1.00 40.29 ? 7  U   A OP1   1 
ATOM   133 O  OP2   . U   A 1 7  ? 1.409   -7.012  -2.513  1.00 38.90 ? 7  U   A OP2   1 
ATOM   134 O  "O5'" . U   A 1 7  ? 2.473   -8.441  -0.795  1.00 33.15 ? 7  U   A "O5'" 1 
ATOM   135 C  "C5'" . U   A 1 7  ? 3.039   -9.649  -0.280  1.00 26.97 ? 7  U   A "C5'" 1 
ATOM   136 C  "C4'" . U   A 1 7  ? 3.651   -9.396  1.064   1.00 24.53 ? 7  U   A "C4'" 1 
ATOM   137 O  "O4'" . U   A 1 7  ? 4.747   -8.461  0.913   1.00 28.31 ? 7  U   A "O4'" 1 
ATOM   138 C  "C3'" . U   A 1 7  ? 2.747   -8.690  2.050   1.00 29.81 ? 7  U   A "C3'" 1 
ATOM   139 O  "O3'" . U   A 1 7  ? 1.856   -9.581  2.683   1.00 39.32 ? 7  U   A "O3'" 1 
ATOM   140 C  "C2'" . U   A 1 7  ? 3.750   -8.121  3.024   1.00 25.46 ? 7  U   A "C2'" 1 
ATOM   141 O  "O2'" . U   A 1 7  ? 4.263   -9.135  3.858   1.00 24.02 ? 7  U   A "O2'" 1 
ATOM   142 C  "C1'" . U   A 1 7  ? 4.826   -7.634  2.059   1.00 27.02 ? 7  U   A "C1'" 1 
ATOM   143 N  N1    . U   A 1 7  ? 4.601   -6.250  1.624   1.00 30.37 ? 7  U   A N1    1 
ATOM   144 C  C2    . U   A 1 7  ? 4.954   -5.250  2.497   1.00 22.63 ? 7  U   A C2    1 
ATOM   145 O  O2    . U   A 1 7  ? 5.406   -5.472  3.605   1.00 28.80 ? 7  U   A O2    1 
ATOM   146 N  N3    . U   A 1 7  ? 4.754   -3.978  2.028   1.00 22.18 ? 7  U   A N3    1 
ATOM   147 C  C4    . U   A 1 7  ? 4.234   -3.616  0.808   1.00 20.83 ? 7  U   A C4    1 
ATOM   148 O  O4    . U   A 1 7  ? 4.162   -2.424  0.517   1.00 26.17 ? 7  U   A O4    1 
ATOM   149 C  C5    . U   A 1 7  ? 3.869   -4.712  -0.035  1.00 20.55 ? 7  U   A C5    1 
ATOM   150 C  C6    . U   A 1 7  ? 4.062   -5.964  0.392   1.00 26.05 ? 7  U   A C6    1 
ATOM   151 P  P     . U   A 1 8  ? 0.470   -9.019  3.242   1.00 32.81 ? 8  U   A P     1 
ATOM   152 O  OP1   . U   A 1 8  ? -0.350  -10.160 3.709   1.00 39.22 ? 8  U   A OP1   1 
ATOM   153 O  OP2   . U   A 1 8  ? -0.072  -8.068  2.233   1.00 33.86 ? 8  U   A OP2   1 
ATOM   154 O  "O5'" . U   A 1 8  ? 0.910   -8.154  4.500   1.00 39.72 ? 8  U   A "O5'" 1 
ATOM   155 C  "C5'" . U   A 1 8  ? 1.512   -8.776  5.637   1.00 35.17 ? 8  U   A "C5'" 1 
ATOM   156 C  "C4'" . U   A 1 8  ? 1.901   -7.734  6.647   1.00 33.97 ? 8  U   A "C4'" 1 
ATOM   157 O  "O4'" . U   A 1 8  ? 2.864   -6.838  6.044   1.00 30.91 ? 8  U   A "O4'" 1 
ATOM   158 C  "C3'" . U   A 1 8  ? 0.802   -6.779  7.076   1.00 40.12 ? 8  U   A "C3'" 1 
ATOM   159 O  "O3'" . U   A 1 8  ? -0.045  -7.341  8.061   1.00 46.98 ? 8  U   A "O3'" 1 
ATOM   160 C  "C2'" . U   A 1 8  ? 1.614   -5.637  7.654   1.00 35.29 ? 8  U   A "C2'" 1 
ATOM   161 O  "O2'" . U   A 1 8  ? 2.142   -5.971  8.918   1.00 42.29 ? 8  U   A "O2'" 1 
ATOM   162 C  "C1'" . U   A 1 8  ? 2.748   -5.556  6.638   1.00 34.34 ? 8  U   A "C1'" 1 
ATOM   163 N  N1    . U   A 1 8  ? 2.459   -4.582  5.582   1.00 29.77 ? 8  U   A N1    1 
ATOM   164 C  C2    . U   A 1 8  ? 2.749   -3.266  5.847   1.00 28.73 ? 8  U   A C2    1 
ATOM   165 O  O2    . U   A 1 8  ? 3.197   -2.892  6.915   1.00 35.37 ? 8  U   A O2    1 
ATOM   166 N  N3    . U   A 1 8  ? 2.491   -2.400  4.822   1.00 24.96 ? 8  U   A N3    1 
ATOM   167 C  C4    . U   A 1 8  ? 1.971   -2.713  3.589   1.00 26.92 ? 8  U   A C4    1 
ATOM   168 O  O4    . U   A 1 8  ? 1.828   -1.820  2.749   1.00 30.84 ? 8  U   A O4    1 
ATOM   169 C  C5    . U   A 1 8  ? 1.677   -4.100  3.400   1.00 27.25 ? 8  U   A C5    1 
ATOM   170 C  C6    . U   A 1 8  ? 1.927   -4.965  4.382   1.00 27.66 ? 8  U   A C6    1 
ATOM   171 P  P     . A   A 1 9  ? -1.559  -6.828  8.180   1.00 46.54 ? 9  A   A P     1 
ATOM   172 O  OP1   . A   A 1 9  ? -2.302  -7.806  9.011   1.00 52.26 ? 9  A   A OP1   1 
ATOM   173 O  OP2   . A   A 1 9  ? -2.041  -6.507  6.808   1.00 47.22 ? 9  A   A OP2   1 
ATOM   174 O  "O5'" . A   A 1 9  ? -1.431  -5.464  8.985   1.00 42.44 ? 9  A   A "O5'" 1 
ATOM   175 C  "C5'" . A   A 1 9  ? -0.818  -5.440  10.274  1.00 40.56 ? 9  A   A "C5'" 1 
ATOM   176 C  "C4'" . A   A 1 9  ? -0.608  -4.019  10.709  1.00 38.91 ? 9  A   A "C4'" 1 
ATOM   177 O  "O4'" . A   A 1 9  ? 0.417   -3.403  9.887   1.00 35.27 ? 9  A   A "O4'" 1 
ATOM   178 C  "C3'" . A   A 1 9  ? -1.809  -3.113  10.514  1.00 40.23 ? 9  A   A "C3'" 1 
ATOM   179 O  "O3'" . A   A 1 9  ? -2.771  -3.264  11.555  1.00 44.27 ? 9  A   A "O3'" 1 
ATOM   180 C  "C2'" . A   A 1 9  ? -1.148  -1.745  10.498  1.00 36.40 ? 9  A   A "C2'" 1 
ATOM   181 O  "O2'" . A   A 1 9  ? -0.748  -1.312  11.781  1.00 43.25 ? 9  A   A "O2'" 1 
ATOM   182 C  "C1'" . A   A 1 9  ? 0.096   -2.040  9.665   1.00 32.68 ? 9  A   A "C1'" 1 
ATOM   183 N  N9    . A   A 1 9  ? -0.170  -1.862  8.241   1.00 32.48 ? 9  A   A N9    1 
ATOM   184 C  C8    . A   A 1 9  ? -0.546  -2.819  7.326   1.00 34.17 ? 9  A   A C8    1 
ATOM   185 N  N7    . A   A 1 9  ? -0.741  -2.348  6.117   1.00 31.31 ? 9  A   A N7    1 
ATOM   186 C  C5    . A   A 1 9  ? -0.473  -0.988  6.242   1.00 31.22 ? 9  A   A C5    1 
ATOM   187 C  C6    . A   A 1 9  ? -0.513  0.076   5.320   1.00 29.28 ? 9  A   A C6    1 
ATOM   188 N  N6    . A   A 1 9  ? -0.867  -0.067  4.037   1.00 28.77 ? 9  A   A N6    1 
ATOM   189 N  N1    . A   A 1 9  ? -0.183  1.309   5.769   1.00 31.65 ? 9  A   A N1    1 
ATOM   190 C  C2    . A   A 1 9  ? 0.148   1.455   7.060   1.00 29.07 ? 9  A   A C2    1 
ATOM   191 N  N3    . A   A 1 9  ? 0.211   0.537   8.024   1.00 32.19 ? 9  A   A N3    1 
ATOM   192 C  C4    . A   A 1 9  ? -0.113  -0.678  7.544   1.00 29.88 ? 9  A   A C4    1 
ATOM   193 P  P     . A   A 1 10 ? -4.325  -2.992  11.244  1.00 46.98 ? 10 A   A P     1 
ATOM   194 O  OP1   . A   A 1 10 ? -5.148  -3.573  12.340  1.00 51.30 ? 10 A   A OP1   1 
ATOM   195 O  OP2   . A   A 1 10 ? -4.601  -3.376  9.835   1.00 50.77 ? 10 A   A OP2   1 
ATOM   196 O  "O5'" . A   A 1 10 ? -4.433  -1.411  11.313  1.00 46.78 ? 10 A   A "O5'" 1 
ATOM   197 C  "C5'" . A   A 1 10 ? -3.890  -0.708  12.427  1.00 42.10 ? 10 A   A "C5'" 1 
ATOM   198 C  "C4'" . A   A 1 10 ? -3.751  0.745   12.097  1.00 40.42 ? 10 A   A "C4'" 1 
ATOM   199 O  "O4'" . A   A 1 10 ? -2.760  0.898   11.052  1.00 40.15 ? 10 A   A "O4'" 1 
ATOM   200 C  "C3'" . A   A 1 10 ? -4.982  1.393   11.495  1.00 41.51 ? 10 A   A "C3'" 1 
ATOM   201 O  "O3'" . A   A 1 10 ? -5.931  1.746   12.488  1.00 50.03 ? 10 A   A "O3'" 1 
ATOM   202 C  "C2'" . A   A 1 10 ? -4.373  2.622   10.842  1.00 39.27 ? 10 A   A "C2'" 1 
ATOM   203 O  "O2'" . A   A 1 10 ? -4.076  3.625   11.797  1.00 39.67 ? 10 A   A "O2'" 1 
ATOM   204 C  "C1'" . A   A 1 10 ? -3.084  2.028   10.258  1.00 37.07 ? 10 A   A "C1'" 1 
ATOM   205 N  N9    . A   A 1 10 ? -3.269  1.580   8.880   1.00 24.41 ? 10 A   A N9    1 
ATOM   206 C  C8    . A   A 1 10 ? -3.564  0.318   8.443   1.00 21.06 ? 10 A   A C8    1 
ATOM   207 N  N7    . A   A 1 10 ? -3.730  0.234   7.146   1.00 21.61 ? 10 A   A N7    1 
ATOM   208 C  C5    . A   A 1 10 ? -3.513  1.530   6.699   1.00 21.50 ? 10 A   A C5    1 
ATOM   209 C  C6    . A   A 1 10 ? -3.557  2.107   5.423   1.00 23.15 ? 10 A   A C6    1 
ATOM   210 N  N6    . A   A 1 10 ? -3.849  1.423   4.312   1.00 22.67 ? 10 A   A N6    1 
ATOM   211 N  N1    . A   A 1 10 ? -3.295  3.429   5.324   1.00 28.13 ? 10 A   A N1    1 
ATOM   212 C  C2    . A   A 1 10 ? -3.016  4.114   6.438   1.00 20.25 ? 10 A   A C2    1 
ATOM   213 N  N3    . A   A 1 10 ? -2.950  3.685   7.689   1.00 24.17 ? 10 A   A N3    1 
ATOM   214 C  C4    . A   A 1 10 ? -3.213  2.366   7.754   1.00 24.81 ? 10 A   A C4    1 
ATOM   215 P  P     . A   A 1 11 ? -7.497  1.712   12.131  1.00 49.32 ? 11 A   A P     1 
ATOM   216 O  OP1   . A   A 1 11 ? -8.271  1.752   13.399  1.00 57.75 ? 11 A   A OP1   1 
ATOM   217 O  OP2   . A   A 1 11 ? -7.717  0.598   11.168  1.00 51.09 ? 11 A   A OP2   1 
ATOM   218 O  "O5'" . A   A 1 11 ? -7.737  3.077   11.355  1.00 46.70 ? 11 A   A "O5'" 1 
ATOM   219 C  "C5'" . A   A 1 11 ? -7.426  4.323   11.975  1.00 39.37 ? 11 A   A "C5'" 1 
ATOM   220 C  "C4'" . A   A 1 11 ? -7.373  5.409   10.942  1.00 39.09 ? 11 A   A "C4'" 1 
ATOM   221 O  "O4'" . A   A 1 11 ? -6.321  5.108   9.989   1.00 41.06 ? 11 A   A "O4'" 1 
ATOM   222 C  "C3'" . A   A 1 11 ? -8.600  5.556   10.062  1.00 36.48 ? 11 A   A "C3'" 1 
ATOM   223 O  "O3'" . A   A 1 11 ? -9.614  6.304   10.713  1.00 35.14 ? 11 A   A "O3'" 1 
ATOM   224 C  "C2'" . A   A 1 11 ? -8.019  6.328   8.889   1.00 37.92 ? 11 A   A "C2'" 1 
ATOM   225 O  "O2'" . A   A 1 11 ? -7.790  7.685   9.230   1.00 37.99 ? 11 A   A "O2'" 1 
ATOM   226 C  "C1'" . A   A 1 11 ? -6.685  5.605   8.710   1.00 36.44 ? 11 A   A "C1'" 1 
ATOM   227 N  N9    . A   A 1 11 ? -6.786  4.471   7.794   1.00 31.68 ? 11 A   A N9    1 
ATOM   228 C  C8    . A   A 1 11 ? -6.892  3.137   8.096   1.00 25.63 ? 11 A   A C8    1 
ATOM   229 N  N7    . A   A 1 11 ? -6.956  2.359   7.039   1.00 25.26 ? 11 A   A N7    1 
ATOM   230 C  C5    . A   A 1 11 ? -6.887  3.243   5.971   1.00 28.14 ? 11 A   A C5    1 
ATOM   231 C  C6    . A   A 1 11 ? -6.892  3.048   4.573   1.00 28.46 ? 11 A   A C6    1 
ATOM   232 N  N6    . A   A 1 11 ? -6.968  1.851   3.993   1.00 30.67 ? 11 A   A N6    1 
ATOM   233 N  N1    . A   A 1 11 ? -6.809  4.144   3.782   1.00 22.54 ? 11 A   A N1    1 
ATOM   234 C  C2    . A   A 1 11 ? -6.722  5.347   4.365   1.00 28.42 ? 11 A   A C2    1 
ATOM   235 N  N3    . A   A 1 11 ? -6.705  5.657   5.665   1.00 34.45 ? 11 A   A N3    1 
ATOM   236 C  C4    . A   A 1 11 ? -6.790  4.547   6.422   1.00 31.36 ? 11 A   A C4    1 
ATOM   237 P  P     . U   A 1 12 ? -11.158 5.975   10.414  1.00 36.06 ? 12 U   A P     1 
ATOM   238 O  OP1   . U   A 1 12 ? -11.957 6.656   11.463  1.00 45.82 ? 12 U   A OP1   1 
ATOM   239 O  OP2   . U   A 1 12 ? -11.300 4.511   10.215  1.00 42.44 ? 12 U   A OP2   1 
ATOM   240 O  "O5'" . U   A 1 12 ? -11.450 6.685   9.022   1.00 33.21 ? 12 U   A "O5'" 1 
ATOM   241 C  "C5'" . U   A 1 12 ? -11.404 8.114   8.913   1.00 32.84 ? 12 U   A "C5'" 1 
ATOM   242 C  "C4'" . U   A 1 12 ? -11.602 8.534   7.481   1.00 33.33 ? 12 U   A "C4'" 1 
ATOM   243 O  "O4'" . U   A 1 12 ? -10.471 8.087   6.692   1.00 29.19 ? 12 U   A "O4'" 1 
ATOM   244 C  "C3'" . U   A 1 12 ? -12.799 7.919   6.778   1.00 33.52 ? 12 U   A "C3'" 1 
ATOM   245 O  "O3'" . U   A 1 12 ? -14.005 8.614   7.090   1.00 35.45 ? 12 U   A "O3'" 1 
ATOM   246 C  "C2'" . U   A 1 12 ? -12.396 8.086   5.322   1.00 31.46 ? 12 U   A "C2'" 1 
ATOM   247 O  "O2'" . U   A 1 12 ? -12.522 9.427   4.887   1.00 32.88 ? 12 U   A "O2'" 1 
ATOM   248 C  "C1'" . U   A 1 12 ? -10.910 7.733   5.392   1.00 30.22 ? 12 U   A "C1'" 1 
ATOM   249 N  N1    . U   A 1 12 ? -10.652 6.299   5.194   1.00 27.92 ? 12 U   A N1    1 
ATOM   250 C  C2    . U   A 1 12 ? -10.484 5.851   3.905   1.00 18.51 ? 12 U   A C2    1 
ATOM   251 O  O2    . U   A 1 12 ? -10.535 6.582   2.946   1.00 30.17 ? 12 U   A O2    1 
ATOM   252 N  N3    . U   A 1 12 ? -10.252 4.511   3.780   1.00 21.85 ? 12 U   A N3    1 
ATOM   253 C  C4    . U   A 1 12 ? -10.175 3.587   4.794   1.00 24.17 ? 12 U   A C4    1 
ATOM   254 O  O4    . U   A 1 12 ? -10.004 2.397   4.517   1.00 26.41 ? 12 U   A O4    1 
ATOM   255 C  C5    . U   A 1 12 ? -10.357 4.127   6.105   1.00 23.69 ? 12 U   A C5    1 
ATOM   256 C  C6    . U   A 1 12 ? -10.585 5.433   6.256   1.00 26.28 ? 12 U   A C6    1 
ATOM   257 P  P     . C   A 1 13 ? -15.381 7.795   7.267   1.00 37.90 ? 13 C   A P     1 
ATOM   258 O  OP1   . C   A 1 13 ? -16.369 8.771   7.778   1.00 45.49 ? 13 C   A OP1   1 
ATOM   259 O  OP2   . C   A 1 13 ? -15.142 6.543   8.013   1.00 37.03 ? 13 C   A OP2   1 
ATOM   260 O  "O5'" . C   A 1 13 ? -15.791 7.383   5.783   1.00 37.06 ? 13 C   A "O5'" 1 
ATOM   261 C  "C5'" . C   A 1 13 ? -16.153 8.393   4.830   1.00 38.29 ? 13 C   A "C5'" 1 
ATOM   262 C  "C4'" . C   A 1 13 ? -16.297 7.803   3.452   1.00 33.66 ? 13 C   A "C4'" 1 
ATOM   263 O  "O4'" . C   A 1 13 ? -15.025 7.287   2.989   1.00 34.32 ? 13 C   A "O4'" 1 
ATOM   264 C  "C3'" . C   A 1 13 ? -17.221 6.613   3.314   1.00 34.06 ? 13 C   A "C3'" 1 
ATOM   265 O  "O3'" . C   A 1 13 ? -18.566 7.038   3.226   1.00 34.58 ? 13 C   A "O3'" 1 
ATOM   266 C  "C2'" . C   A 1 13 ? -16.772 6.039   1.982   1.00 35.21 ? 13 C   A "C2'" 1 
ATOM   267 O  "O2'" . C   A 1 13 ? -17.302 6.788   0.909   1.00 38.51 ? 13 C   A "O2'" 1 
ATOM   268 C  "C1'" . C   A 1 13 ? -15.258 6.240   2.062   1.00 32.17 ? 13 C   A "C1'" 1 
ATOM   269 N  N1    . C   A 1 13 ? -14.576 5.037   2.543   1.00 29.26 ? 13 C   A N1    1 
ATOM   270 C  C2    . C   A 1 13 ? -14.218 4.066   1.620   1.00 24.81 ? 13 C   A C2    1 
ATOM   271 O  O2    . C   A 1 13 ? -14.474 4.261   0.424   1.00 25.16 ? 13 C   A O2    1 
ATOM   272 N  N3    . C   A 1 13 ? -13.610 2.940   2.048   1.00 23.42 ? 13 C   A N3    1 
ATOM   273 C  C4    . C   A 1 13 ? -13.368 2.763   3.349   1.00 25.81 ? 13 C   A C4    1 
ATOM   274 N  N4    . C   A 1 13 ? -12.799 1.619   3.733   1.00 25.84 ? 13 C   A N4    1 
ATOM   275 C  C5    . C   A 1 13 ? -13.711 3.751   4.317   1.00 25.96 ? 13 C   A C5    1 
ATOM   276 C  C6    . C   A 1 13 ? -14.306 4.864   3.873   1.00 29.36 ? 13 C   A C6    1 
ATOM   277 P  P     . U   A 1 14 ? -19.736 5.998   3.534   1.00 37.60 ? 14 U   A P     1 
ATOM   278 O  OP1   . U   A 1 14 ? -21.017 6.730   3.268   1.00 44.47 ? 14 U   A OP1   1 
ATOM   279 O  OP2   . U   A 1 14 ? -19.494 5.385   4.857   1.00 39.69 ? 14 U   A OP2   1 
ATOM   280 O  "O5'" . U   A 1 14 ? -19.573 4.871   2.413   1.00 34.68 ? 14 U   A "O5'" 1 
ATOM   281 C  "C5'" . U   A 1 14 ? -20.079 5.105   1.094   1.00 34.06 ? 14 U   A "C5'" 1 
ATOM   282 C  "C4'" . U   A 1 14 ? -19.802 3.936   0.173   1.00 30.35 ? 14 U   A "C4'" 1 
ATOM   283 O  "O4'" . U   A 1 14 ? -18.387 3.630   0.154   1.00 28.80 ? 14 U   A "O4'" 1 
ATOM   284 C  "C3'" . U   A 1 14 ? -20.421 2.579   0.455   1.00 31.77 ? 14 U   A "C3'" 1 
ATOM   285 O  "O3'" . U   A 1 14 ? -21.806 2.539   0.099   1.00 30.18 ? 14 U   A "O3'" 1 
ATOM   286 C  "C2'" . U   A 1 14 ? -19.602 1.712   -0.494  1.00 27.22 ? 14 U   A "C2'" 1 
ATOM   287 O  "O2'" . U   A 1 14 ? -19.963 1.932   -1.837  1.00 29.11 ? 14 U   A "O2'" 1 
ATOM   288 C  "C1'" . U   A 1 14 ? -18.210 2.299   -0.301  1.00 24.57 ? 14 U   A "C1'" 1 
ATOM   289 N  N1    . U   A 1 14 ? -17.468 1.557   0.719   1.00 27.24 ? 14 U   A N1    1 
ATOM   290 C  C2    . U   A 1 14 ? -17.000 0.309   0.382   1.00 20.71 ? 14 U   A C2    1 
ATOM   291 O  O2    . U   A 1 14 ? -17.172 -0.185  -0.715  1.00 26.64 ? 14 U   A O2    1 
ATOM   292 N  N3    . U   A 1 14 ? -16.325 -0.341  1.378   1.00 19.63 ? 14 U   A N3    1 
ATOM   293 C  C4    . U   A 1 14 ? -16.083 0.123   2.649   1.00 17.41 ? 14 U   A C4    1 
ATOM   294 O  O4    . U   A 1 14 ? -15.474 -0.585  3.441   1.00 27.02 ? 14 U   A O4    1 
ATOM   295 C  C5    . U   A 1 14 ? -16.597 1.426   2.920   1.00 18.93 ? 14 U   A C5    1 
ATOM   296 C  C6    . U   A 1 14 ? -17.256 2.084   1.966   1.00 24.32 ? 14 U   A C6    1 
ATOM   297 P  P     . G   A 1 15 ? -22.729 1.307   0.584   1.00 28.73 ? 15 G   A P     1 
ATOM   298 O  OP1   . G   A 1 15 ? -24.130 1.567   0.158   1.00 32.96 ? 15 G   A OP1   1 
ATOM   299 O  OP2   . G   A 1 15 ? -22.442 1.026   2.009   1.00 37.64 ? 15 G   A OP2   1 
ATOM   300 O  "O5'" . G   A 1 15 ? -22.189 0.061   -0.240  1.00 26.15 ? 15 G   A "O5'" 1 
ATOM   301 C  "C5'" . G   A 1 15 ? -22.525 -0.101  -1.619  1.00 22.22 ? 15 G   A "C5'" 1 
ATOM   302 C  "C4'" . G   A 1 15 ? -21.993 -1.410  -2.126  1.00 26.10 ? 15 G   A "C4'" 1 
ATOM   303 O  "O4'" . G   A 1 15 ? -20.567 -1.437  -1.883  1.00 26.72 ? 15 G   A "O4'" 1 
ATOM   304 C  "C3'" . G   A 1 15 ? -22.491 -2.659  -1.417  1.00 28.12 ? 15 G   A "C3'" 1 
ATOM   305 O  "O3'" . G   A 1 15 ? -23.742 -3.106  -1.920  1.00 31.80 ? 15 G   A "O3'" 1 
ATOM   306 C  "C2'" . G   A 1 15 ? -21.394 -3.646  -1.750  1.00 27.40 ? 15 G   A "C2'" 1 
ATOM   307 O  "O2'" . G   A 1 15 ? -21.476 -4.076  -3.094  1.00 35.82 ? 15 G   A "O2'" 1 
ATOM   308 C  "C1'" . G   A 1 15 ? -20.164 -2.761  -1.574  1.00 29.04 ? 15 G   A "C1'" 1 
ATOM   309 N  N9    . G   A 1 15 ? -19.667 -2.759  -0.208  1.00 25.42 ? 15 G   A N9    1 
ATOM   310 C  C8    . G   A 1 15 ? -19.848 -1.772  0.727   1.00 26.94 ? 15 G   A C8    1 
ATOM   311 N  N7    . G   A 1 15 ? -19.232 -2.012  1.851   1.00 29.95 ? 15 G   A N7    1 
ATOM   312 C  C5    . G   A 1 15 ? -18.616 -3.243  1.648   1.00 27.14 ? 15 G   A C5    1 
ATOM   313 C  C6    . G   A 1 15 ? -17.789 -4.009  2.511   1.00 26.09 ? 15 G   A C6    1 
ATOM   314 O  O6    . G   A 1 15 ? -17.398 -3.728  3.649   1.00 29.00 ? 15 G   A O6    1 
ATOM   315 N  N1    . G   A 1 15 ? -17.404 -5.209  1.920   1.00 30.59 ? 15 G   A N1    1 
ATOM   316 C  C2    . G   A 1 15 ? -17.757 -5.615  0.655   1.00 30.40 ? 15 G   A C2    1 
ATOM   317 N  N2    . G   A 1 15 ? -17.300 -6.820  0.268   1.00 22.67 ? 15 G   A N2    1 
ATOM   318 N  N3    . G   A 1 15 ? -18.507 -4.896  -0.169  1.00 31.51 ? 15 G   A N3    1 
ATOM   319 C  C4    . G   A 1 15 ? -18.897 -3.729  0.393   1.00 26.68 ? 15 G   A C4    1 
ATOM   320 P  P     . C   A 1 16 ? -24.776 -3.843  -0.933  1.00 36.68 ? 16 C   A P     1 
ATOM   321 O  OP1   . C   A 1 16 ? -26.051 -4.047  -1.670  1.00 40.06 ? 16 C   A OP1   1 
ATOM   322 O  OP2   . C   A 1 16 ? -24.790 -3.128  0.381   1.00 39.12 ? 16 C   A OP2   1 
ATOM   323 O  "O5'" . C   A 1 16 ? -24.117 -5.270  -0.710  1.00 33.62 ? 16 C   A "O5'" 1 
ATOM   324 C  "C5'" . C   A 1 16 ? -23.805 -6.109  -1.822  1.00 27.39 ? 16 C   A "C5'" 1 
ATOM   325 C  "C4'" . C   A 1 16 ? -22.992 -7.267  -1.347  1.00 27.84 ? 16 C   A "C4'" 1 
ATOM   326 O  "O4'" . C   A 1 16 ? -21.777 -6.742  -0.758  1.00 31.10 ? 16 C   A "O4'" 1 
ATOM   327 C  "C3'" . C   A 1 16 ? -23.637 -8.032  -0.207  1.00 32.02 ? 16 C   A "C3'" 1 
ATOM   328 O  "O3'" . C   A 1 16 ? -24.655 -8.933  -0.650  1.00 38.09 ? 16 C   A "O3'" 1 
ATOM   329 C  "C2'" . C   A 1 16 ? -22.438 -8.671  0.478   1.00 34.62 ? 16 C   A "C2'" 1 
ATOM   330 O  "O2'" . C   A 1 16 ? -22.012 -9.861  -0.159  1.00 37.08 ? 16 C   A "O2'" 1 
ATOM   331 C  "C1'" . C   A 1 16 ? -21.382 -7.567  0.327   1.00 34.28 ? 16 C   A "C1'" 1 
ATOM   332 N  N1    . C   A 1 16 ? -21.239 -6.718  1.518   1.00 26.37 ? 16 C   A N1    1 
ATOM   333 C  C2    . C   A 1 16 ? -20.371 -7.119  2.521   1.00 22.08 ? 16 C   A C2    1 
ATOM   334 O  O2    . C   A 1 16 ? -19.789 -8.200  2.405   1.00 25.51 ? 16 C   A O2    1 
ATOM   335 N  N3    . C   A 1 16 ? -20.201 -6.334  3.602   1.00 24.16 ? 16 C   A N3    1 
ATOM   336 C  C4    . C   A 1 16 ? -20.872 -5.192  3.704   1.00 20.69 ? 16 C   A C4    1 
ATOM   337 N  N4    . C   A 1 16 ? -20.661 -4.438  4.786   1.00 25.33 ? 16 C   A N4    1 
ATOM   338 C  C5    . C   A 1 16 ? -21.787 -4.766  2.704   1.00 23.21 ? 16 C   A C5    1 
ATOM   339 C  C6    . C   A 1 16 ? -21.934 -5.549  1.634   1.00 27.09 ? 16 C   A C6    1 
ATOM   340 O  "O5'" . G   B 1 1  ? -12.922 -8.244  10.474  1.00 43.90 ? 17 G   B "O5'" 1 
ATOM   341 C  "C5'" . G   B 1 1  ? -12.441 -9.590  10.574  1.00 34.22 ? 17 G   B "C5'" 1 
ATOM   342 C  "C4'" . G   B 1 1  ? -13.134 -10.508 9.596   1.00 32.01 ? 17 G   B "C4'" 1 
ATOM   343 O  "O4'" . G   B 1 1  ? -14.560 -10.300 9.705   1.00 25.66 ? 17 G   B "O4'" 1 
ATOM   344 C  "C3'" . G   B 1 1  ? -12.836 -10.243 8.132   1.00 35.42 ? 17 G   B "C3'" 1 
ATOM   345 O  "O3'" . G   B 1 1  ? -11.644 -10.912 7.746   1.00 42.76 ? 17 G   B "O3'" 1 
ATOM   346 C  "C2'" . G   B 1 1  ? -14.069 -10.815 7.447   1.00 28.16 ? 17 G   B "C2'" 1 
ATOM   347 O  "O2'" . G   B 1 1  ? -14.046 -12.221 7.348   1.00 33.08 ? 17 G   B "O2'" 1 
ATOM   348 C  "C1'" . G   B 1 1  ? -15.163 -10.414 8.431   1.00 28.32 ? 17 G   B "C1'" 1 
ATOM   349 N  N9    . G   B 1 1  ? -15.787 -9.134  8.126   1.00 23.20 ? 17 G   B N9    1 
ATOM   350 C  C8    . G   B 1 1  ? -15.702 -7.978  8.864   1.00 23.97 ? 17 G   B C8    1 
ATOM   351 N  N7    . G   B 1 1  ? -16.390 -6.994  8.355   1.00 23.76 ? 17 G   B N7    1 
ATOM   352 C  C5    . G   B 1 1  ? -16.963 -7.537  7.207   1.00 27.66 ? 17 G   B C5    1 
ATOM   353 C  C6    . G   B 1 1  ? -17.826 -6.950  6.238   1.00 23.30 ? 17 G   B C6    1 
ATOM   354 O  O6    . G   B 1 1  ? -18.282 -5.803  6.207   1.00 26.84 ? 17 G   B O6    1 
ATOM   355 N  N1    . G   B 1 1  ? -18.154 -7.851  5.234   1.00 24.08 ? 17 G   B N1    1 
ATOM   356 C  C2    . G   B 1 1  ? -17.717 -9.150  5.168   1.00 24.32 ? 17 G   B C2    1 
ATOM   357 N  N2    . G   B 1 1  ? -18.141 -9.863  4.120   1.00 29.74 ? 17 G   B N2    1 
ATOM   358 N  N3    . G   B 1 1  ? -16.924 -9.711  6.065   1.00 30.23 ? 17 G   B N3    1 
ATOM   359 C  C4    . G   B 1 1  ? -16.588 -8.853  7.050   1.00 23.93 ? 17 G   B C4    1 
ATOM   360 P  P     . C   B 1 2  ? -10.615 -10.196 6.739   1.00 40.96 ? 18 C   B P     1 
ATOM   361 O  OP1   . C   B 1 2  ? -9.396  -11.037 6.703   1.00 43.87 ? 18 C   B OP1   1 
ATOM   362 O  OP2   . C   B 1 2  ? -10.507 -8.750  7.096   1.00 42.83 ? 18 C   B OP2   1 
ATOM   363 O  "O5'" . C   B 1 2  ? -11.337 -10.296 5.327   1.00 34.37 ? 18 C   B "O5'" 1 
ATOM   364 C  "C5'" . C   B 1 2  ? -11.534 -11.563 4.703   1.00 30.84 ? 18 C   B "C5'" 1 
ATOM   365 C  "C4'" . C   B 1 2  ? -12.472 -11.423 3.537   1.00 32.51 ? 18 C   B "C4'" 1 
ATOM   366 O  "O4'" . C   B 1 2  ? -13.759 -10.954 4.019   1.00 34.43 ? 18 C   B "O4'" 1 
ATOM   367 C  "C3'" . C   B 1 2  ? -12.094 -10.374 2.510   1.00 35.87 ? 18 C   B "C3'" 1 
ATOM   368 O  "O3'" . C   B 1 2  ? -11.100 -10.830 1.601   1.00 37.46 ? 18 C   B "O3'" 1 
ATOM   369 C  "C2'" . C   B 1 2  ? -13.430 -10.136 1.830   1.00 31.82 ? 18 C   B "C2'" 1 
ATOM   370 O  "O2'" . C   B 1 2  ? -13.777 -11.212 0.978   1.00 37.34 ? 18 C   B "O2'" 1 
ATOM   371 C  "C1'" . C   B 1 2  ? -14.362 -10.114 3.042   1.00 31.46 ? 18 C   B "C1'" 1 
ATOM   372 N  N1    . C   B 1 2  ? -14.500 -8.770  3.628   1.00 26.11 ? 18 C   B N1    1 
ATOM   373 C  C2    . C   B 1 2  ? -15.427 -7.874  3.075   1.00 26.91 ? 18 C   B C2    1 
ATOM   374 O  O2    . C   B 1 2  ? -16.105 -8.231  2.099   1.00 28.50 ? 18 C   B O2    1 
ATOM   375 N  N3    . C   B 1 2  ? -15.554 -6.644  3.616   1.00 24.90 ? 18 C   B N3    1 
ATOM   376 C  C4    . C   B 1 2  ? -14.799 -6.294  4.660   1.00 23.35 ? 18 C   B C4    1 
ATOM   377 N  N4    . C   B 1 2  ? -14.951 -5.065  5.158   1.00 27.62 ? 18 C   B N4    1 
ATOM   378 C  C5    . C   B 1 2  ? -13.851 -7.185  5.238   1.00 24.78 ? 18 C   B C5    1 
ATOM   379 C  C6    . C   B 1 2  ? -13.736 -8.401  4.696   1.00 23.20 ? 18 C   B C6    1 
ATOM   380 P  P     . A   B 1 3  ? -10.095 -9.764  0.930   1.00 41.45 ? 19 A   B P     1 
ATOM   381 O  OP1   . A   B 1 3  ? -9.097  -10.524 0.138   1.00 50.47 ? 19 A   B OP1   1 
ATOM   382 O  OP2   . A   B 1 3  ? -9.629  -8.801  1.976   1.00 39.54 ? 19 A   B OP2   1 
ATOM   383 O  "O5'" . A   B 1 3  ? -11.027 -8.974  -0.097  1.00 43.00 ? 19 A   B "O5'" 1 
ATOM   384 C  "C5'" . A   B 1 3  ? -11.644 -9.671  -1.189  1.00 40.54 ? 19 A   B "C5'" 1 
ATOM   385 C  "C4'" . A   B 1 3  ? -12.526 -8.743  -1.984  1.00 40.65 ? 19 A   B "C4'" 1 
ATOM   386 O  "O4'" . A   B 1 3  ? -13.724 -8.405  -1.235  1.00 39.52 ? 19 A   B "O4'" 1 
ATOM   387 C  "C3'" . A   B 1 3  ? -11.940 -7.382  -2.310  1.00 39.06 ? 19 A   B "C3'" 1 
ATOM   388 O  "O3'" . A   B 1 3  ? -11.038 -7.422  -3.386  1.00 46.28 ? 19 A   B "O3'" 1 
ATOM   389 C  "C2'" . A   B 1 3  ? -13.196 -6.622  -2.672  1.00 36.13 ? 19 A   B "C2'" 1 
ATOM   390 O  "O2'" . A   B 1 3  ? -13.715 -7.051  -3.914  1.00 39.97 ? 19 A   B "O2'" 1 
ATOM   391 C  "C1'" . A   B 1 3  ? -14.115 -7.076  -1.544  1.00 33.59 ? 19 A   B "C1'" 1 
ATOM   392 N  N9    . A   B 1 3  ? -13.874 -6.254  -0.367  1.00 24.05 ? 19 A   B N9    1 
ATOM   393 C  C8    . A   B 1 3  ? -13.071 -6.525  0.710   1.00 20.61 ? 19 A   B C8    1 
ATOM   394 N  N7    . A   B 1 3  ? -13.055 -5.576  1.610   1.00 20.35 ? 19 A   B N7    1 
ATOM   395 C  C5    . A   B 1 3  ? -13.914 -4.615  1.091   1.00 23.61 ? 19 A   B C5    1 
ATOM   396 C  C6    . A   B 1 3  ? -14.347 -3.363  1.577   1.00 23.02 ? 19 A   B C6    1 
ATOM   397 N  N6    . A   B 1 3  ? -13.967 -2.847  2.752   1.00 18.03 ? 19 A   B N6    1 
ATOM   398 N  N1    . A   B 1 3  ? -15.199 -2.654  0.805   1.00 22.39 ? 19 A   B N1    1 
ATOM   399 C  C2    . A   B 1 3  ? -15.592 -3.176  -0.363  1.00 20.03 ? 19 A   B C2    1 
ATOM   400 N  N3    . A   B 1 3  ? -15.267 -4.342  -0.920  1.00 22.01 ? 19 A   B N3    1 
ATOM   401 C  C4    . A   B 1 3  ? -14.415 -5.018  -0.132  1.00 23.20 ? 19 A   B C4    1 
ATOM   402 P  P     . G   B 1 4  ? -9.821  -6.381  -3.417  1.00 43.24 ? 20 G   B P     1 
ATOM   403 O  OP1   . G   B 1 4  ? -8.839  -6.898  -4.396  1.00 50.35 ? 20 G   B OP1   1 
ATOM   404 O  OP2   . G   B 1 4  ? -9.415  -6.114  -2.017  1.00 41.42 ? 20 G   B OP2   1 
ATOM   405 O  "O5'" . G   B 1 4  ? -10.481 -5.043  -3.965  1.00 37.58 ? 20 G   B "O5'" 1 
ATOM   406 C  "C5'" . G   B 1 4  ? -11.356 -5.081  -5.095  1.00 38.85 ? 20 G   B "C5'" 1 
ATOM   407 C  "C4'" . G   B 1 4  ? -12.048 -3.753  -5.263  1.00 38.76 ? 20 G   B "C4'" 1 
ATOM   408 O  "O4'" . G   B 1 4  ? -13.038 -3.562  -4.221  1.00 30.79 ? 20 G   B "O4'" 1 
ATOM   409 C  "C3'" . G   B 1 4  ? -11.165 -2.526  -5.116  1.00 41.30 ? 20 G   B "C3'" 1 
ATOM   410 O  "O3'" . G   B 1 4  ? -10.400 -2.279  -6.288  1.00 41.88 ? 20 G   B "O3'" 1 
ATOM   411 C  "C2'" . G   B 1 4  ? -12.197 -1.438  -4.865  1.00 35.26 ? 20 G   B "C2'" 1 
ATOM   412 O  "O2'" . G   B 1 4  ? -12.868 -1.028  -6.038  1.00 37.13 ? 20 G   B "O2'" 1 
ATOM   413 C  "C1'" . G   B 1 4  ? -13.169 -2.176  -3.947  1.00 29.51 ? 20 G   B "C1'" 1 
ATOM   414 N  N9    . G   B 1 4  ? -12.817 -1.942  -2.555  1.00 25.02 ? 20 G   B N9    1 
ATOM   415 C  C8    . G   B 1 4  ? -12.090 -2.755  -1.725  1.00 21.91 ? 20 G   B C8    1 
ATOM   416 N  N7    . G   B 1 4  ? -11.925 -2.245  -0.534  1.00 22.11 ? 20 G   B N7    1 
ATOM   417 C  C5    . G   B 1 4  ? -12.586 -1.025  -0.593  1.00 18.93 ? 20 G   B C5    1 
ATOM   418 C  C6    . G   B 1 4  ? -12.736 -0.013  0.387   1.00 18.98 ? 20 G   B C6    1 
ATOM   419 O  O6    . G   B 1 4  ? -12.292 0.014   1.537   1.00 24.65 ? 20 G   B O6    1 
ATOM   420 N  N1    . G   B 1 4  ? -13.483 1.058   -0.091  1.00 18.29 ? 20 G   B N1    1 
ATOM   421 C  C2    . G   B 1 4  ? -14.012 1.152   -1.358  1.00 27.51 ? 20 G   B C2    1 
ATOM   422 N  N2    . G   B 1 4  ? -14.698 2.272   -1.643  1.00 30.98 ? 20 G   B N2    1 
ATOM   423 N  N3    . G   B 1 4  ? -13.874 0.217   -2.281  1.00 27.97 ? 20 G   B N3    1 
ATOM   424 C  C4    . G   B 1 4  ? -13.152 -0.832  -1.831  1.00 23.91 ? 20 G   B C4    1 
ATOM   425 P  P     . A   B 1 5  ? -9.074  -1.382  -6.188  1.00 35.10 ? 21 A   B P     1 
ATOM   426 O  OP1   . A   B 1 5  ? -8.503  -1.298  -7.552  1.00 46.30 ? 21 A   B OP1   1 
ATOM   427 O  OP2   . A   B 1 5  ? -8.224  -1.855  -5.067  1.00 35.84 ? 21 A   B OP2   1 
ATOM   428 O  "O5'" . A   B 1 5  ? -9.630  0.049   -5.788  1.00 35.77 ? 21 A   B "O5'" 1 
ATOM   429 C  "C5'" . A   B 1 5  ? -10.406 0.815   -6.711  1.00 28.32 ? 21 A   B "C5'" 1 
ATOM   430 C  "C4'" . A   B 1 5  ? -10.598 2.192   -6.163  1.00 31.09 ? 21 A   B "C4'" 1 
ATOM   431 O  "O4'" . A   B 1 5  ? -11.384 2.089   -4.952  1.00 35.32 ? 21 A   B "O4'" 1 
ATOM   432 C  "C3'" . A   B 1 5  ? -9.307  2.849   -5.708  1.00 33.10 ? 21 A   B "C3'" 1 
ATOM   433 O  "O3'" . A   B 1 5  ? -8.630  3.481   -6.802  1.00 32.45 ? 21 A   B "O3'" 1 
ATOM   434 C  "C2'" . A   B 1 5  ? -9.810  3.846   -4.673  1.00 29.09 ? 21 A   B "C2'" 1 
ATOM   435 O  "O2'" . A   B 1 5  ? -10.336 5.030   -5.246  1.00 29.33 ? 21 A   B "O2'" 1 
ATOM   436 C  "C1'" . A   B 1 5  ? -10.931 3.041   -4.011  1.00 31.43 ? 21 A   B "C1'" 1 
ATOM   437 N  N9    . A   B 1 5  ? -10.496 2.328   -2.812  1.00 27.48 ? 21 A   B N9    1 
ATOM   438 C  C8    . A   B 1 5  ? -9.999  1.055   -2.699  1.00 20.24 ? 21 A   B C8    1 
ATOM   439 N  N7    . A   B 1 5  ? -9.670  0.724   -1.476  1.00 22.74 ? 21 A   B N7    1 
ATOM   440 C  C5    . A   B 1 5  ? -9.981  1.855   -0.731  1.00 24.71 ? 21 A   B C5    1 
ATOM   441 C  C6    . A   B 1 5  ? -9.867  2.151   0.638   1.00 21.28 ? 21 A   B C6    1 
ATOM   442 N  N6    . A   B 1 5  ? -9.387  1.306   1.545   1.00 19.69 ? 21 A   B N6    1 
ATOM   443 N  N1    . A   B 1 5  ? -10.273 3.370   1.049   1.00 23.85 ? 21 A   B N1    1 
ATOM   444 C  C2    . A   B 1 5  ? -10.754 4.223   0.145   1.00 20.73 ? 21 A   B C2    1 
ATOM   445 N  N3    . A   B 1 5  ? -10.907 4.065   -1.163  1.00 23.42 ? 21 A   B N3    1 
ATOM   446 C  C4    . A   B 1 5  ? -10.497 2.845   -1.542  1.00 25.07 ? 21 A   B C4    1 
ATOM   447 P  P     . G   B 1 6  ? -7.102  3.945   -6.639  1.00 30.73 ? 22 G   B P     1 
ATOM   448 O  OP1   . G   B 1 6  ? -6.680  4.471   -7.959  1.00 38.64 ? 22 G   B OP1   1 
ATOM   449 O  OP2   . G   B 1 6  ? -6.312  2.867   -6.003  1.00 31.78 ? 22 G   B OP2   1 
ATOM   450 O  "O5'" . G   B 1 6  ? -7.207  5.159   -5.620  1.00 31.92 ? 22 G   B "O5'" 1 
ATOM   451 C  "C5'" . G   B 1 6  ? -6.147  5.459   -4.710  1.00 24.99 ? 22 G   B "C5'" 1 
ATOM   452 C  "C4'" . G   B 1 6  ? -6.597  6.531   -3.753  1.00 25.89 ? 22 G   B "C4'" 1 
ATOM   453 O  "O4'" . G   B 1 6  ? -7.673  6.011   -2.927  1.00 28.15 ? 22 G   B "O4'" 1 
ATOM   454 C  "C3'" . G   B 1 6  ? -5.558  6.988   -2.751  1.00 29.27 ? 22 G   B "C3'" 1 
ATOM   455 O  "O3'" . G   B 1 6  ? -4.703  7.968   -3.340  1.00 33.23 ? 22 G   B "O3'" 1 
ATOM   456 C  "C2'" . G   B 1 6  ? -6.434  7.577   -1.656  1.00 28.01 ? 22 G   B "C2'" 1 
ATOM   457 O  "O2'" . G   B 1 6  ? -6.879  8.878   -1.983  1.00 33.39 ? 22 G   B "O2'" 1 
ATOM   458 C  "C1'" . G   B 1 6  ? -7.589  6.566   -1.625  1.00 29.38 ? 22 G   B "C1'" 1 
ATOM   459 N  N9    . G   B 1 6  ? -7.340  5.487   -0.665  1.00 31.67 ? 22 G   B N9    1 
ATOM   460 C  C8    . G   B 1 6  ? -7.308  5.616   0.700   1.00 29.89 ? 22 G   B C8    1 
ATOM   461 N  N7    . G   B 1 6  ? -7.022  4.502   1.316   1.00 27.02 ? 22 G   B N7    1 
ATOM   462 C  C5    . G   B 1 6  ? -6.857  3.574   0.297   1.00 29.50 ? 22 G   B C5    1 
ATOM   463 C  C6    . G   B 1 6  ? -6.507  2.198   0.357   1.00 33.65 ? 22 G   B C6    1 
ATOM   464 O  O6    . G   B 1 6  ? -6.255  1.517   1.356   1.00 37.13 ? 22 G   B O6    1 
ATOM   465 N  N1    . G   B 1 6  ? -6.449  1.620   -0.910  1.00 32.40 ? 22 G   B N1    1 
ATOM   466 C  C2    . G   B 1 6  ? -6.685  2.280   -2.087  1.00 29.53 ? 22 G   B C2    1 
ATOM   467 N  N2    . G   B 1 6  ? -6.567  1.533   -3.202  1.00 27.16 ? 22 G   B N2    1 
ATOM   468 N  N3    . G   B 1 6  ? -7.010  3.571   -2.162  1.00 31.16 ? 22 G   B N3    1 
ATOM   469 C  C4    . G   B 1 6  ? -7.072  4.154   -0.939  1.00 32.08 ? 22 G   B C4    1 
ATOM   470 P  P     . U   B 1 7  ? -3.122  7.908   -3.068  1.00 30.69 ? 23 U   B P     1 
ATOM   471 O  OP1   . U   B 1 7  ? -2.466  8.967   -3.870  1.00 39.39 ? 23 U   B OP1   1 
ATOM   472 O  OP2   . U   B 1 7  ? -2.679  6.500   -3.206  1.00 31.13 ? 23 U   B OP2   1 
ATOM   473 O  "O5'" . U   B 1 7  ? -2.991  8.312   -1.538  1.00 30.17 ? 23 U   B "O5'" 1 
ATOM   474 C  "C5'" . U   B 1 7  ? -3.298  9.643   -1.112  1.00 25.59 ? 23 U   B "C5'" 1 
ATOM   475 C  "C4'" . U   B 1 7  ? -3.207  9.727   0.379   1.00 25.53 ? 23 U   B "C4'" 1 
ATOM   476 O  "O4'" . U   B 1 7  ? -4.216  8.862   0.966   1.00 33.35 ? 23 U   B "O4'" 1 
ATOM   477 C  "C3'" . U   B 1 7  ? -1.921  9.179   0.956   1.00 30.80 ? 23 U   B "C3'" 1 
ATOM   478 O  "O3'" . U   B 1 7  ? -0.855  10.116  0.879   1.00 36.47 ? 23 U   B "O3'" 1 
ATOM   479 C  "C2'" . U   B 1 7  ? -2.337  8.923   2.391   1.00 28.16 ? 23 U   B "C2'" 1 
ATOM   480 O  "O2'" . U   B 1 7  ? -2.460  10.139  3.102   1.00 25.86 ? 23 U   B "O2'" 1 
ATOM   481 C  "C1'" . U   B 1 7  ? -3.719  8.310   2.175   1.00 28.37 ? 23 U   B "C1'" 1 
ATOM   482 N  N1    . U   B 1 7  ? -3.666  6.849   2.021   1.00 28.90 ? 23 U   B N1    1 
ATOM   483 C  C2    . U   B 1 7  ? -3.517  6.102   3.162   1.00 21.67 ? 23 U   B C2    1 
ATOM   484 O  O2    . U   B 1 7  ? -3.407  6.600   4.261   1.00 30.59 ? 23 U   B O2    1 
ATOM   485 N  N3    . U   B 1 7  ? -3.489  4.751   2.965   1.00 21.10 ? 23 U   B N3    1 
ATOM   486 C  C4    . U   B 1 7  ? -3.587  4.084   1.767   1.00 20.49 ? 23 U   B C4    1 
ATOM   487 O  O4    . U   B 1 7  ? -3.586  2.853   1.756   1.00 28.23 ? 23 U   B O4    1 
ATOM   488 C  C5    . U   B 1 7  ? -3.724  4.927   0.632   1.00 17.72 ? 23 U   B C5    1 
ATOM   489 C  C6    . U   B 1 7  ? -3.761  6.250   0.794   1.00 25.09 ? 23 U   B C6    1 
ATOM   490 P  P     . U   B 1 8  ? 0.653   9.583   0.793   1.00 32.51 ? 24 U   B P     1 
ATOM   491 O  OP1   . U   B 1 8  ? 1.552   10.718  0.507   1.00 38.75 ? 24 U   B OP1   1 
ATOM   492 O  OP2   . U   B 1 8  ? 0.657   8.389   -0.094  1.00 34.30 ? 24 U   B OP2   1 
ATOM   493 O  "O5'" . U   B 1 8  ? 0.967   9.090   2.271   1.00 37.16 ? 24 U   B "O5'" 1 
ATOM   494 C  "C5'" . U   B 1 8  ? 0.924   10.012  3.367   1.00 32.94 ? 24 U   B "C5'" 1 
ATOM   495 C  "C4'" . U   B 1 8  ? 1.060   9.271   4.671   1.00 35.36 ? 24 U   B "C4'" 1 
ATOM   496 O  "O4'" . U   B 1 8  ? -0.012  8.306   4.785   1.00 32.67 ? 24 U   B "O4'" 1 
ATOM   497 C  "C3'" . U   B 1 8  ? 2.310   8.412   4.798   1.00 40.77 ? 24 U   B "C3'" 1 
ATOM   498 O  "O3'" . U   B 1 8  ? 3.450   9.178   5.178   1.00 45.46 ? 24 U   B "O3'" 1 
ATOM   499 C  "C2'" . U   B 1 8  ? 1.899   7.442   5.898   1.00 36.97 ? 24 U   B "C2'" 1 
ATOM   500 O  "O2'" . U   B 1 8  ? 1.974   8.016   7.193   1.00 40.51 ? 24 U   B "O2'" 1 
ATOM   501 C  "C1'" . U   B 1 8  ? 0.435   7.195   5.540   1.00 34.43 ? 24 U   B "C1'" 1 
ATOM   502 N  N1    . U   B 1 8  ? 0.231   5.977   4.747   1.00 29.89 ? 24 U   B N1    1 
ATOM   503 C  C2    . U   B 1 8  ? 0.245   4.784   5.430   1.00 28.39 ? 24 U   B C2    1 
ATOM   504 O  O2    . U   B 1 8  ? 0.487   4.715   6.619   1.00 32.98 ? 24 U   B O2    1 
ATOM   505 N  N3    . U   B 1 8  ? -0.020  3.674   4.675   1.00 21.70 ? 24 U   B N3    1 
ATOM   506 C  C4    . U   B 1 8  ? -0.277  3.639   3.325   1.00 22.04 ? 24 U   B C4    1 
ATOM   507 O  O4    . U   B 1 8  ? -0.600  2.569   2.800   1.00 31.19 ? 24 U   B O4    1 
ATOM   508 C  C5    . U   B 1 8  ? -0.231  4.914   2.675   1.00 25.54 ? 24 U   B C5    1 
ATOM   509 C  C6    . U   B 1 8  ? 0.014   6.015   3.392   1.00 29.05 ? 24 U   B C6    1 
ATOM   510 P  P     . A   B 1 9  ? 4.917   8.682   4.737   1.00 45.22 ? 25 A   B P     1 
ATOM   511 O  OP1   . A   B 1 9  ? 5.857   9.802   4.960   1.00 52.17 ? 25 A   B OP1   1 
ATOM   512 O  OP2   . A   B 1 9  ? 4.843   8.038   3.407   1.00 45.34 ? 25 A   B OP2   1 
ATOM   513 O  "O5'" . A   B 1 9  ? 5.245   7.546   5.796   1.00 41.42 ? 25 A   B "O5'" 1 
ATOM   514 C  "C5'" . A   B 1 9  ? 5.261   7.845   7.186   1.00 36.66 ? 25 A   B "C5'" 1 
ATOM   515 C  "C4'" . A   B 1 9  ? 5.384   6.574   7.970   1.00 38.88 ? 25 A   B "C4'" 1 
ATOM   516 O  "O4'" . A   B 1 9  ? 4.162   5.809   7.826   1.00 37.13 ? 25 A   B "O4'" 1 
ATOM   517 C  "C3'" . A   B 1 9  ? 6.450   5.631   7.445   1.00 41.87 ? 25 A   B "C3'" 1 
ATOM   518 O  "O3'" . A   B 1 9  ? 7.770   5.982   7.859   1.00 45.01 ? 25 A   B "O3'" 1 
ATOM   519 C  "C2'" . A   B 1 9  ? 5.980   4.301   8.008   1.00 39.23 ? 25 A   B "C2'" 1 
ATOM   520 O  "O2'" . A   B 1 9  ? 6.251   4.139   9.387   1.00 47.88 ? 25 A   B "O2'" 1 
ATOM   521 C  "C1'" . A   B 1 9  ? 4.471   4.422   7.808   1.00 37.62 ? 25 A   B "C1'" 1 
ATOM   522 N  N9    . A   B 1 9  ? 4.055   3.861   6.524   1.00 34.67 ? 25 A   B N9    1 
ATOM   523 C  C8    . A   B 1 9  ? 3.946   4.474   5.296   1.00 30.85 ? 25 A   B C8    1 
ATOM   524 N  N7    . A   B 1 9  ? 3.555   3.666   4.338   1.00 29.86 ? 25 A   B N7    1 
ATOM   525 C  C5    . A   B 1 9  ? 3.395   2.442   4.979   1.00 26.93 ? 25 A   B C5    1 
ATOM   526 C  C6    . A   B 1 9  ? 3.011   1.170   4.517   1.00 27.46 ? 25 A   B C6    1 
ATOM   527 N  N6    . A   B 1 9  ? 2.714   0.901   3.240   1.00 29.13 ? 25 A   B N6    1 
ATOM   528 N  N1    . A   B 1 9  ? 2.951   0.165   5.418   1.00 28.98 ? 25 A   B N1    1 
ATOM   529 C  C2    . A   B 1 9  ? 3.267   0.423   6.689   1.00 26.60 ? 25 A   B C2    1 
ATOM   530 N  N3    . A   B 1 9  ? 3.652   1.570   7.243   1.00 33.52 ? 25 A   B N3    1 
ATOM   531 C  C4    . A   B 1 9  ? 3.697   2.549   6.323   1.00 30.00 ? 25 A   B C4    1 
ATOM   532 P  P     . A   B 1 10 ? 9.027   5.469   6.995   1.00 48.93 ? 26 A   B P     1 
ATOM   533 O  OP1   . A   B 1 10 ? 10.259  6.105   7.522   1.00 54.85 ? 26 A   B OP1   1 
ATOM   534 O  OP2   . A   B 1 10 ? 8.693   5.591   5.553   1.00 49.06 ? 26 A   B OP2   1 
ATOM   535 O  "O5'" . A   B 1 10 ? 9.076   3.916   7.336   1.00 49.17 ? 26 A   B "O5'" 1 
ATOM   536 C  "C5'" . A   B 1 10 ? 9.184   3.486   8.697   1.00 47.68 ? 26 A   B "C5'" 1 
ATOM   537 C  "C4'" . A   B 1 10 ? 8.986   1.997   8.793   1.00 44.95 ? 26 A   B "C4'" 1 
ATOM   538 O  "O4'" . A   B 1 10 ? 7.632   1.664   8.398   1.00 43.05 ? 26 A   B "O4'" 1 
ATOM   539 C  "C3'" . A   B 1 10 ? 9.838   1.145   7.869   1.00 45.55 ? 26 A   B "C3'" 1 
ATOM   540 O  "O3'" . A   B 1 10 ? 11.158  0.959   8.361   1.00 45.27 ? 26 A   B "O3'" 1 
ATOM   541 C  "C2'" . A   B 1 10 ? 9.054   -0.157  7.866   1.00 46.44 ? 26 A   B "C2'" 1 
ATOM   542 O  "O2'" . A   B 1 10 ? 9.239   -0.924  9.042   1.00 46.31 ? 26 A   B "O2'" 1 
ATOM   543 C  "C1'" . A   B 1 10 ? 7.621   0.373   7.807   1.00 40.51 ? 26 A   B "C1'" 1 
ATOM   544 N  N9    . A   B 1 10 ? 7.165   0.504   6.428   1.00 29.19 ? 26 A   B N9    1 
ATOM   545 C  C8    . A   B 1 10 ? 7.140   1.624   5.638   1.00 28.03 ? 26 A   B C8    1 
ATOM   546 N  N7    . A   B 1 10 ? 6.673   1.407   4.431   1.00 27.86 ? 26 A   B N7    1 
ATOM   547 C  C5    . A   B 1 10 ? 6.373   0.049   4.430   1.00 23.90 ? 26 A   B C5    1 
ATOM   548 C  C6    . A   B 1 10 ? 5.852   -0.801  3.448   1.00 22.52 ? 26 A   B C6    1 
ATOM   549 N  N6    . A   B 1 10 ? 5.519   -0.396  2.225   1.00 24.19 ? 26 A   B N6    1 
ATOM   550 N  N1    . A   B 1 10 ? 5.684   -2.099  3.769   1.00 26.68 ? 26 A   B N1    1 
ATOM   551 C  C2    . A   B 1 10 ? 6.014   -2.508  4.996   1.00 20.02 ? 26 A   B C2    1 
ATOM   552 N  N3    . A   B 1 10 ? 6.510   -1.807  6.004   1.00 24.69 ? 26 A   B N3    1 
ATOM   553 C  C4    . A   B 1 10 ? 6.669   -0.516  5.652   1.00 25.98 ? 26 A   B C4    1 
ATOM   554 P  P     . A   B 1 11 ? 12.377  0.846   7.320   1.00 45.00 ? 27 A   B P     1 
ATOM   555 O  OP1   . A   B 1 11 ? 13.623  1.054   8.104   1.00 54.90 ? 27 A   B OP1   1 
ATOM   556 O  OP2   . A   B 1 11 ? 12.099  1.704   6.144   1.00 41.62 ? 27 A   B OP2   1 
ATOM   557 O  "O5'" . A   B 1 11 ? 12.328  -0.659  6.817   1.00 40.37 ? 27 A   B "O5'" 1 
ATOM   558 C  "C5'" . A   B 1 11 ? 12.523  -1.728  7.730   1.00 36.11 ? 27 A   B "C5'" 1 
ATOM   559 C  "C4'" . A   B 1 11 ? 11.998  -3.001  7.137   1.00 35.89 ? 27 A   B "C4'" 1 
ATOM   560 O  "O4'" . A   B 1 11 ? 10.606  -2.803  6.787   1.00 38.46 ? 27 A   B "O4'" 1 
ATOM   561 C  "C3'" . A   B 1 11 ? 12.619  -3.449  5.826   1.00 37.27 ? 27 A   B "C3'" 1 
ATOM   562 O  "O3'" . A   B 1 11 ? 13.838  -4.144  6.046   1.00 38.71 ? 27 A   B "O3'" 1 
ATOM   563 C  "C2'" . A   B 1 11 ? 11.548  -4.393  5.302   1.00 35.43 ? 27 A   B "C2'" 1 
ATOM   564 O  "O2'" . A   B 1 11 ? 11.544  -5.655  5.930   1.00 33.90 ? 27 A   B "O2'" 1 
ATOM   565 C  "C1'" . A   B 1 11 ? 10.285  -3.623  5.679   1.00 33.81 ? 27 A   B "C1'" 1 
ATOM   566 N  N9    . A   B 1 11 ? 9.937   -2.763  4.562   1.00 28.31 ? 27 A   B N9    1 
ATOM   567 C  C8    . A   B 1 11 ? 10.159  -1.423  4.361   1.00 27.04 ? 27 A   B C8    1 
ATOM   568 N  N7    . A   B 1 11 ? 9.715   -0.992  3.205   1.00 21.72 ? 27 A   B N7    1 
ATOM   569 C  C5    . A   B 1 11 ? 9.166   -2.124  2.616   1.00 24.41 ? 27 A   B C5    1 
ATOM   570 C  C6    . A   B 1 11 ? 8.512   -2.334  1.391   1.00 24.59 ? 27 A   B C6    1 
ATOM   571 N  N6    . A   B 1 11 ? 8.269   -1.374  0.503   1.00 28.27 ? 27 A   B N6    1 
ATOM   572 N  N1    . A   B 1 11 ? 8.093   -3.585  1.107   1.00 23.01 ? 27 A   B N1    1 
ATOM   573 C  C2    . A   B 1 11 ? 8.296   -4.553  2.014   1.00 29.80 ? 27 A   B C2    1 
ATOM   574 N  N3    . A   B 1 11 ? 8.881   -4.473  3.206   1.00 32.86 ? 27 A   B N3    1 
ATOM   575 C  C4    . A   B 1 11 ? 9.299   -3.216  3.445   1.00 28.45 ? 27 A   B C4    1 
ATOM   576 P  P     . U   B 1 12 ? 15.029  -4.002  4.989   1.00 26.06 ? 28 U   B P     1 
ATOM   577 O  OP1   . U   B 1 12 ? 16.247  -4.473  5.676   1.00 38.14 ? 28 U   B OP1   1 
ATOM   578 O  OP2   . U   B 1 12 ? 14.999  -2.654  4.395   1.00 29.38 ? 28 U   B OP2   1 
ATOM   579 O  "O5'" . U   B 1 12 ? 14.651  -5.036  3.850   1.00 29.16 ? 28 U   B "O5'" 1 
ATOM   580 C  "C5'" . U   B 1 12 ? 14.650  -6.441  4.114   1.00 30.25 ? 28 U   B "C5'" 1 
ATOM   581 C  "C4'" . U   B 1 12 ? 14.202  -7.188  2.886   1.00 31.31 ? 28 U   B "C4'" 1 
ATOM   582 O  "O4'" . U   B 1 12 ? 12.816  -6.856  2.614   1.00 30.26 ? 28 U   B "O4'" 1 
ATOM   583 C  "C3'" . U   B 1 12 ? 14.924  -6.797  1.609   1.00 28.47 ? 28 U   B "C3'" 1 
ATOM   584 O  "O3'" . U   B 1 12 ? 16.175  -7.474  1.484   1.00 31.82 ? 28 U   B "O3'" 1 
ATOM   585 C  "C2'" . U   B 1 12 ? 13.927  -7.258  0.561   1.00 26.11 ? 28 U   B "C2'" 1 
ATOM   586 O  "O2'" . U   B 1 12 ? 13.934  -8.668  0.420   1.00 29.39 ? 28 U   B "O2'" 1 
ATOM   587 C  "C1'" . U   B 1 12 ? 12.609  -6.831  1.212   1.00 31.31 ? 28 U   B "C1'" 1 
ATOM   588 N  N1    . U   B 1 12 ? 12.196  -5.471  0.827   1.00 28.79 ? 28 U   B N1    1 
ATOM   589 C  C2    . U   B 1 12 ? 11.502  -5.341  -0.347  1.00 22.75 ? 28 U   B C2    1 
ATOM   590 O  O2    . U   B 1 12 ? 11.229  -6.289  -1.057  1.00 31.63 ? 28 U   B O2    1 
ATOM   591 N  N3    . U   B 1 12 ? 11.145  -4.061  -0.670  1.00 20.85 ? 28 U   B N3    1 
ATOM   592 C  C4    . U   B 1 12 ? 11.427  -2.918  0.038   1.00 22.84 ? 28 U   B C4    1 
ATOM   593 O  O4    . U   B 1 12 ? 11.122  -1.820  -0.437  1.00 29.31 ? 28 U   B O4    1 
ATOM   594 C  C5    . U   B 1 12 ? 12.153  -3.133  1.245   1.00 21.61 ? 28 U   B C5    1 
ATOM   595 C  C6    . U   B 1 12 ? 12.500  -4.374  1.594   1.00 28.08 ? 28 U   B C6    1 
ATOM   596 P  P     . C   B 1 13 ? 17.448  -6.698  0.876   1.00 35.83 ? 29 C   B P     1 
ATOM   597 O  OP1   . C   B 1 13 ? 18.637  -7.514  1.206   1.00 41.61 ? 29 C   B OP1   1 
ATOM   598 O  OP2   . C   B 1 13 ? 17.408  -5.265  1.271   1.00 34.77 ? 29 C   B OP2   1 
ATOM   599 O  "O5'" . C   B 1 13 ? 17.205  -6.764  -0.697  1.00 32.82 ? 29 C   B "O5'" 1 
ATOM   600 C  "C5'" . C   B 1 13 ? 16.900  -8.019  -1.325  1.00 31.68 ? 29 C   B "C5'" 1 
ATOM   601 C  "C4'" . C   B 1 13 ? 16.407  -7.789  -2.724  1.00 28.23 ? 29 C   B "C4'" 1 
ATOM   602 O  "O4'" . C   B 1 13 ? 15.077  -7.212  -2.707  1.00 33.40 ? 29 C   B "O4'" 1 
ATOM   603 C  "C3'" . C   B 1 13 ? 17.198  -6.768  -3.510  1.00 27.93 ? 29 C   B "C3'" 1 
ATOM   604 O  "O3'" . C   B 1 13 ? 18.412  -7.309  -4.015  1.00 33.33 ? 29 C   B "O3'" 1 
ATOM   605 C  "C2'" . C   B 1 13 ? 16.222  -6.433  -4.630  1.00 27.18 ? 29 C   B "C2'" 1 
ATOM   606 O  "O2'" . C   B 1 13 ? 16.187  -7.421  -5.640  1.00 26.19 ? 29 C   B "O2'" 1 
ATOM   607 C  "C1'" . C   B 1 13 ? 14.889  -6.436  -3.881  1.00 26.98 ? 29 C   B "C1'" 1 
ATOM   608 N  N1    . C   B 1 13 ? 14.466  -5.080  -3.503  1.00 28.37 ? 29 C   B N1    1 
ATOM   609 C  C2    . C   B 1 13 ? 13.666  -4.365  -4.389  1.00 22.65 ? 29 C   B C2    1 
ATOM   610 O  O2    . C   B 1 13 ? 13.335  -4.900  -5.452  1.00 26.35 ? 29 C   B O2    1 
ATOM   611 N  N3    . C   B 1 13 ? 13.285  -3.111  -4.078  1.00 21.70 ? 29 C   B N3    1 
ATOM   612 C  C4    . C   B 1 13 ? 13.673  -2.566  -2.928  1.00 21.30 ? 29 C   B C4    1 
ATOM   613 N  N4    . C   B 1 13 ? 13.281  -1.319  -2.663  1.00 20.50 ? 29 C   B N4    1 
ATOM   614 C  C5    . C   B 1 13 ? 14.482  -3.275  -1.993  1.00 24.46 ? 29 C   B C5    1 
ATOM   615 C  C6    . C   B 1 13 ? 14.850  -4.521  -2.316  1.00 23.31 ? 29 C   B C6    1 
ATOM   616 P  P     . U   B 1 14 ? 19.442  -6.341  -4.758  1.00 35.53 ? 30 U   B P     1 
ATOM   617 O  OP1   . U   B 1 14 ? 20.584  -7.142  -5.259  1.00 39.03 ? 30 U   B OP1   1 
ATOM   618 O  OP2   . U   B 1 14 ? 19.695  -5.144  -3.910  1.00 34.13 ? 30 U   B OP2   1 
ATOM   619 O  "O5'" . U   B 1 14 ? 18.586  -5.852  -6.003  1.00 38.03 ? 30 U   B "O5'" 1 
ATOM   620 C  "C5'" . U   B 1 14 ? 18.939  -4.679  -6.708  1.00 32.31 ? 30 U   B "C5'" 1 
ATOM   621 C  "C4'" . U   B 1 14 ? 18.120  -4.571  -7.958  1.00 28.80 ? 30 U   B "C4'" 1 
ATOM   622 O  "O4'" . U   B 1 14 ? 16.717  -4.488  -7.602  1.00 24.46 ? 30 U   B "O4'" 1 
ATOM   623 C  "C3'" . U   B 1 14 ? 18.412  -3.298  -8.722  1.00 29.76 ? 30 U   B "C3'" 1 
ATOM   624 O  "O3'" . U   B 1 14 ? 19.486  -3.504  -9.631  1.00 26.46 ? 30 U   B "O3'" 1 
ATOM   625 C  "C2'" . U   B 1 14 ? 17.086  -3.025  -9.404  1.00 25.53 ? 30 U   B "C2'" 1 
ATOM   626 O  "O2'" . U   B 1 14 ? 16.915  -3.867  -10.515 1.00 28.99 ? 30 U   B "O2'" 1 
ATOM   627 C  "C1'" . U   B 1 14 ? 16.114  -3.418  -8.294  1.00 24.70 ? 30 U   B "C1'" 1 
ATOM   628 N  N1    . U   B 1 14 ? 15.906  -2.356  -7.306  1.00 27.85 ? 30 U   B N1    1 
ATOM   629 C  C2    . U   B 1 14 ? 15.185  -1.236  -7.667  1.00 27.16 ? 30 U   B C2    1 
ATOM   630 O  O2    . U   B 1 14 ? 14.741  -1.065  -8.783  1.00 35.29 ? 30 U   B O2    1 
ATOM   631 N  N3    . U   B 1 14 ? 15.014  -0.317  -6.666  1.00 21.98 ? 30 U   B N3    1 
ATOM   632 C  C4    . U   B 1 14 ? 15.488  -0.404  -5.376  1.00 26.06 ? 30 U   B C4    1 
ATOM   633 O  O4    . U   B 1 14 ? 15.211  0.478   -4.564  1.00 30.99 ? 30 U   B O4    1 
ATOM   634 C  C5    . U   B 1 14 ? 16.239  -1.580  -5.097  1.00 27.28 ? 30 U   B C5    1 
ATOM   635 C  C6    . U   B 1 14 ? 16.415  -2.492  -6.048  1.00 27.22 ? 30 U   B C6    1 
ATOM   636 P  P     . G   B 1 15 ? 20.544  -2.327  -9.888  1.00 29.97 ? 31 G   B P     1 
ATOM   637 O  OP1   . G   B 1 15 ? 21.569  -2.798  -10.849 1.00 37.37 ? 31 G   B OP1   1 
ATOM   638 O  OP2   . G   B 1 15 ? 20.973  -1.770  -8.583  1.00 37.52 ? 31 G   B OP2   1 
ATOM   639 O  "O5'" . G   B 1 15 ? 19.675  -1.219  -10.619 1.00 30.01 ? 31 G   B "O5'" 1 
ATOM   640 C  "C5'" . G   B 1 15 ? 19.195  -1.454  -11.938 1.00 25.29 ? 31 G   B "C5'" 1 
ATOM   641 C  "C4'" . G   B 1 15 ? 18.397  -0.278  -12.406 1.00 26.67 ? 31 G   B "C4'" 1 
ATOM   642 O  "O4'" . G   B 1 15 ? 17.279  -0.103  -11.513 1.00 24.42 ? 31 G   B "O4'" 1 
ATOM   643 C  "C3'" . G   B 1 15 ? 19.110  1.057   -12.343 1.00 29.50 ? 31 G   B "C3'" 1 
ATOM   644 O  "O3'" . G   B 1 15 ? 19.932  1.264   -13.475 1.00 33.83 ? 31 G   B "O3'" 1 
ATOM   645 C  "C2'" . G   B 1 15 ? 17.938  2.012   -12.322 1.00 24.09 ? 31 G   B "C2'" 1 
ATOM   646 O  "O2'" . G   B 1 15 ? 17.327  2.088   -13.590 1.00 32.78 ? 31 G   B "O2'" 1 
ATOM   647 C  "C1'" . G   B 1 15 ? 17.002  1.274   -11.372 1.00 26.18 ? 31 G   B "C1'" 1 
ATOM   648 N  N9    . G   B 1 15 ? 17.214  1.623   -9.977  1.00 24.61 ? 31 G   B N9    1 
ATOM   649 C  C8    . G   B 1 15 ? 17.877  0.887   -9.027  1.00 21.30 ? 31 G   B C8    1 
ATOM   650 N  N7    . G   B 1 15 ? 17.831  1.430   -7.840  1.00 24.62 ? 31 G   B N7    1 
ATOM   651 C  C5    . G   B 1 15 ? 17.110  2.600   -8.029  1.00 26.60 ? 31 G   B C5    1 
ATOM   652 C  C6    . G   B 1 15 ? 16.715  3.603   -7.101  1.00 28.14 ? 31 G   B C6    1 
ATOM   653 O  O6    . G   B 1 15 ? 16.926  3.657   -5.883  1.00 29.68 ? 31 G   B O6    1 
ATOM   654 N  N1    . G   B 1 15 ? 15.999  4.620   -7.723  1.00 33.49 ? 31 G   B N1    1 
ATOM   655 C  C2    . G   B 1 15 ? 15.701  4.671   -9.065  1.00 32.21 ? 31 G   B C2    1 
ATOM   656 N  N2    . G   B 1 15 ? 15.016  5.745   -9.481  1.00 32.99 ? 31 G   B N2    1 
ATOM   657 N  N3    . G   B 1 15 ? 16.053  3.742   -9.935  1.00 31.27 ? 31 G   B N3    1 
ATOM   658 C  C4    . G   B 1 15 ? 16.745  2.743   -9.349  1.00 26.12 ? 31 G   B C4    1 
ATOM   659 P  P     . C   B 1 16 ? 21.309  2.069   -13.308 1.00 33.14 ? 32 C   B P     1 
ATOM   660 O  OP1   . C   B 1 16 ? 22.097  1.917   -14.549 1.00 37.71 ? 32 C   B OP1   1 
ATOM   661 O  OP2   . C   B 1 16 ? 21.909  1.680   -12.003 1.00 35.77 ? 32 C   B OP2   1 
ATOM   662 O  "O5'" . C   B 1 16 ? 20.831  3.579   -13.201 1.00 32.81 ? 32 C   B "O5'" 1 
ATOM   663 C  "C5'" . C   B 1 16 ? 19.941  4.141   -14.178 1.00 30.93 ? 32 C   B "C5'" 1 
ATOM   664 C  "C4'" . C   B 1 16 ? 19.356  5.419   -13.649 1.00 29.35 ? 32 C   B "C4'" 1 
ATOM   665 O  "O4'" . C   B 1 16 ? 18.541  5.113   -12.491 1.00 28.56 ? 32 C   B "O4'" 1 
ATOM   666 C  "C3'" . C   B 1 16 ? 20.385  6.396   -13.112 1.00 30.17 ? 32 C   B "C3'" 1 
ATOM   667 O  "O3'" . C   B 1 16 ? 21.080  7.137   -14.119 1.00 36.90 ? 32 C   B "O3'" 1 
ATOM   668 C  "C2'" . C   B 1 16 ? 19.552  7.239   -12.166 1.00 27.73 ? 32 C   B "C2'" 1 
ATOM   669 O  "O2'" . C   B 1 16 ? 18.807  8.196   -12.882 1.00 36.48 ? 32 C   B "O2'" 1 
ATOM   670 C  "C1'" . C   B 1 16 ? 18.620  6.182   -11.560 1.00 31.50 ? 32 C   B "C1'" 1 
ATOM   671 N  N1    . C   B 1 16 ? 19.095  5.638   -10.274 1.00 28.04 ? 32 C   B N1    1 
ATOM   672 C  C2    . C   B 1 16 ? 18.754  6.301   -9.090  1.00 27.27 ? 32 C   B C2    1 
ATOM   673 O  O2    . C   B 1 16 ? 18.066  7.331   -9.152  1.00 27.85 ? 32 C   B O2    1 
ATOM   674 N  N3    . C   B 1 16 ? 19.190  5.808   -7.910  1.00 29.49 ? 32 C   B N3    1 
ATOM   675 C  C4    . C   B 1 16 ? 19.950  4.714   -7.887  1.00 21.54 ? 32 C   B C4    1 
ATOM   676 N  N4    . C   B 1 16 ? 20.370  4.275   -6.701  1.00 25.90 ? 32 C   B N4    1 
ATOM   677 C  C5    . C   B 1 16 ? 20.316  4.023   -9.075  1.00 19.36 ? 32 C   B C5    1 
ATOM   678 C  C6    . C   B 1 16 ? 19.865  4.509   -10.234 1.00 24.23 ? 32 C   B C6    1 
HETATM 679 NA NA    . NA  C 2 .  ? -22.485 7.932   1.488   0.33 14.58 ? 89 NA  A NA    1 
HETATM 680 O  O     . HOH D 3 .  ? 12.609  3.159   -12.085 1.00 41.21 ? 36 HOH A O     1 
HETATM 681 O  O     . HOH D 3 .  ? -16.870 -0.747  -3.690  1.00 39.86 ? 39 HOH A O     1 
HETATM 682 O  O     . HOH D 3 .  ? 11.201  5.682   -13.938 1.00 45.34 ? 41 HOH A O     1 
HETATM 683 O  O     . HOH D 3 .  ? -9.867  2.332   9.177   1.00 46.36 ? 42 HOH A O     1 
HETATM 684 O  O     . HOH D 3 .  ? 0.063   -6.206  0.911   1.00 26.12 ? 43 HOH A O     1 
HETATM 685 O  O     . HOH D 3 .  ? -23.216 5.672   1.985   1.00 42.41 ? 48 HOH A O     1 
HETATM 686 O  O     . HOH D 3 .  ? -21.830 3.447   -3.332  1.00 29.08 ? 49 HOH A O     1 
HETATM 687 O  O     . HOH D 3 .  ? 1.898   -4.048  -2.707  1.00 41.83 ? 51 HOH A O     1 
HETATM 688 O  O     . HOH D 3 .  ? -2.606  -10.191 10.938  1.00 36.56 ? 52 HOH A O     1 
HETATM 689 O  O     . HOH D 3 .  ? -4.333  -3.249  6.462   1.00 59.17 ? 54 HOH A O     1 
HETATM 690 O  O     . HOH D 3 .  ? -13.416 3.508   8.332   1.00 45.09 ? 55 HOH A O     1 
HETATM 691 O  O     . HOH D 3 .  ? 12.731  9.122   -10.877 1.00 41.16 ? 57 HOH A O     1 
HETATM 692 O  O     . HOH D 3 .  ? 9.110   -7.883  -6.238  1.00 50.16 ? 58 HOH A O     1 
HETATM 693 O  O     . HOH D 3 .  ? 7.490   -9.782  -6.354  1.00 56.89 ? 59 HOH A O     1 
HETATM 694 O  O     . HOH D 3 .  ? 17.704  8.829   2.618   1.00 60.00 ? 61 HOH A O     1 
HETATM 695 O  O     . HOH D 3 .  ? 3.695   -11.512 4.769   1.00 32.19 ? 63 HOH A O     1 
HETATM 696 O  O     . HOH D 3 .  ? -4.639  -7.517  11.323  1.00 62.48 ? 64 HOH A O     1 
HETATM 697 O  O     . HOH D 3 .  ? 0.544   -1.676  0.078   1.00 56.12 ? 65 HOH A O     1 
HETATM 698 O  O     . HOH D 3 .  ? -7.037  -0.422  5.375   1.00 46.60 ? 67 HOH A O     1 
HETATM 699 O  O     . HOH D 3 .  ? -15.167 9.345   -0.533  0.33 34.60 ? 73 HOH A O     1 
HETATM 700 O  O     . HOH D 3 .  ? -14.227 10.081  2.601   1.00 48.29 ? 75 HOH A O     1 
HETATM 701 O  O     . HOH D 3 .  ? -1.585  -3.419  4.145   1.00 42.28 ? 78 HOH A O     1 
HETATM 702 O  O     . HOH D 3 .  ? 7.675   12.445  -7.542  1.00 48.43 ? 80 HOH A O     1 
HETATM 703 O  O     . HOH D 3 .  ? 7.197   1.135   -3.508  1.00 77.23 ? 83 HOH A O     1 
HETATM 704 O  O     . HOH D 3 .  ? -21.395 -1.964  4.975   1.00 56.90 ? 87 HOH A O     1 
HETATM 705 O  O     . HOH E 3 .  ? 18.092  2.802   -3.640  1.00 44.88 ? 33 HOH B O     1 
HETATM 706 O  O     . HOH E 3 .  ? 18.667  -2.942  -1.582  1.00 64.50 ? 34 HOH B O     1 
HETATM 707 O  O     . HOH E 3 .  ? 21.405  -5.603  -1.541  1.00 33.30 ? 35 HOH B O     1 
HETATM 708 O  O     . HOH E 3 .  ? -9.455  7.447   -6.394  1.00 31.04 ? 37 HOH B O     1 
HETATM 709 O  O     . HOH E 3 .  ? -11.672 6.786   -2.845  1.00 46.52 ? 38 HOH B O     1 
HETATM 710 O  O     . HOH E 3 .  ? -16.757 -5.067  -3.517  1.00 39.36 ? 40 HOH B O     1 
HETATM 711 O  O     . HOH E 3 .  ? 13.890  0.045   3.027   1.00 50.04 ? 44 HOH B O     1 
HETATM 712 O  O     . HOH E 3 .  ? 0.260   5.810   -0.882  1.00 47.96 ? 45 HOH B O     1 
HETATM 713 O  O     . HOH E 3 .  ? -11.744 -9.024  -6.206  1.00 47.30 ? 46 HOH B O     1 
HETATM 714 O  O     . HOH E 3 .  ? -8.690  -10.366 -4.273  1.00 39.65 ? 47 HOH B O     1 
HETATM 715 O  O     . HOH E 3 .  ? 12.017  -7.342  -6.731  1.00 41.51 ? 50 HOH B O     1 
HETATM 716 O  O     . HOH E 3 .  ? -10.740 -1.731  3.842   1.00 54.13 ? 53 HOH B O     1 
HETATM 717 O  O     . HOH E 3 .  ? 19.820  0.492   -6.255  1.00 39.63 ? 56 HOH B O     1 
HETATM 718 O  O     . HOH E 3 .  ? 16.525  -2.015  1.346   1.00 52.45 ? 60 HOH B O     1 
HETATM 719 O  O     . HOH E 3 .  ? -11.224 -5.153  3.839   1.00 41.08 ? 62 HOH B O     1 
HETATM 720 O  O     . HOH E 3 .  ? -8.568  -1.222  -0.805  1.00 35.09 ? 66 HOH B O     1 
HETATM 721 O  O     . HOH E 3 .  ? 22.854  0.821   -9.387  1.00 52.16 ? 68 HOH B O     1 
HETATM 722 O  O     . HOH E 3 .  ? 1.694   2.802   -0.369  1.00 79.34 ? 69 HOH B O     1 
HETATM 723 O  O     . HOH E 3 .  ? -3.770  -1.023  1.228   1.00 53.57 ? 70 HOH B O     1 
HETATM 724 O  O     . HOH E 3 .  ? -15.801 -13.663 1.315   1.00 62.72 ? 71 HOH B O     1 
HETATM 725 O  O     . HOH E 3 .  ? 21.017  -8.570  -7.410  0.33 27.40 ? 72 HOH B O     1 
HETATM 726 O  O     . HOH E 3 .  ? 20.392  -7.026  3.494   1.00 80.47 ? 74 HOH B O     1 
HETATM 727 O  O     . HOH E 3 .  ? 0.952   8.827   -3.294  1.00 41.17 ? 76 HOH B O     1 
HETATM 728 O  O     . HOH E 3 .  ? -16.964 -10.812 0.207   1.00 47.45 ? 77 HOH B O     1 
HETATM 729 O  O     . HOH E 3 .  ? -8.939  -13.730 -0.663  1.00 60.02 ? 79 HOH B O     1 
HETATM 730 O  O     . HOH E 3 .  ? 0.024   8.555   -5.369  1.00 35.24 ? 81 HOH B O     1 
HETATM 731 O  O     . HOH E 3 .  ? 8.914   1.630   1.634   1.00 65.28 ? 82 HOH B O     1 
HETATM 732 O  O     . HOH E 3 .  ? 3.106   6.299   1.388   1.00 55.62 ? 84 HOH B O     1 
HETATM 733 O  O     . HOH E 3 .  ? -6.591  -2.716  0.998   1.00 70.32 ? 85 HOH B O     1 
HETATM 734 O  O     . HOH E 3 .  ? -2.680  1.694   -0.135  1.00 66.33 ? 86 HOH B O     1 
HETATM 735 O  O     . HOH E 3 .  ? -9.114  4.131   -8.647  1.00 43.30 ? 88 HOH B O     1 
# 
